data_5F1Q
#
_entry.id   5F1Q
#
_cell.length_a   289.290
_cell.length_b   59.745
_cell.length_c   80.631
_cell.angle_alpha   90.00
_cell.angle_beta   103.96
_cell.angle_gamma   90.00
#
_symmetry.space_group_name_H-M   'C 1 2 1'
#
loop_
_entity.id
_entity.type
_entity.pdbx_description
1 polymer 'Periplasmic dipeptide transport protein'
2 non-polymer 1,2-ETHANEDIOL
3 non-polymer GLYCEROL
4 non-polymer DI(HYDROXYETHYL)ETHER
5 non-polymer 'CHLORIDE ION'
6 non-polymer GLUTAMINE
7 water water
#
_entity_poly.entity_id   1
_entity_poly.type   'polypeptide(L)'
_entity_poly.pdbx_seq_one_letter_code
;(MSE)TISLRRTGILKFGIGLVALTIAASVQAKTLVYCSEGSPEGFNPQLFTSGTTYDASSVPIYNRLVEFKIGTTEIEP
SLAERWEVSEDGKTYTFYLRKGVKWQDNKDFKPTRDFNADDVIYSF(MSE)RQKDDKNPYHKVSGGSYEYFQG(MSE)G
(MSE)GDLITNVVKVDDNTVRFELTRPESPFLADLA(MSE)DFASILSAEYADN(MSE)LKAGTPEKVDLNPIGTGPFQL
QQYQKDSRILYKAFPGFWGTKPKIDRLVFSITPDASVRYAKLQKNECQI(MSE)PYPNPADIAR(MSE)KEDKTINL
(MSE)EQPGLNVGYLSFNIEKKPLDNLKVRQALT(MSE)AVNKDAIIDAVYQGAGQAAKNLIPPT(MSE)WGYNDDVKDY
AYDPAKAKELLKEAGLPDGFSIDLWA(MSE)PVQRPYNPNARR(MSE)AE(MSE)IQSDWAKIGVKAKIVTYEWGEYLKR
AKDGEHETV(MSE)(MSE)GWTGDNGDPDNFFATLFSCDAAKQGSNYSKWCYKPFEDLIQPARAEADHDKRVALYKQAQV
V(MSE)NEQAPALIIAHSTVYEPVRKEVKGYVVDPLGKHHFDNVSLDAGENLYFQ
;
_entity_poly.pdbx_strand_id   A,B
#
loop_
_chem_comp.id
_chem_comp.type
_chem_comp.name
_chem_comp.formula
CL non-polymer 'CHLORIDE ION' 'Cl -1'
EDO non-polymer 1,2-ETHANEDIOL 'C2 H6 O2'
GOL non-polymer GLYCEROL 'C3 H8 O3'
PEG non-polymer DI(HYDROXYETHYL)ETHER 'C4 H10 O3'
#
# COMPACT_ATOMS: atom_id res chain seq x y z
N LYS A 29 35.90 -14.36 -12.92
CA LYS A 29 35.16 -15.10 -11.90
C LYS A 29 33.87 -14.37 -11.57
N THR A 30 32.78 -15.14 -11.42
CA THR A 30 31.46 -14.59 -11.11
C THR A 30 31.05 -14.95 -9.67
N LEU A 31 30.67 -13.96 -8.88
CA LEU A 31 30.08 -14.24 -7.57
C LEU A 31 28.59 -13.96 -7.60
N VAL A 32 27.81 -14.87 -7.03
CA VAL A 32 26.37 -14.66 -6.92
C VAL A 32 25.99 -14.47 -5.45
N TYR A 33 25.35 -13.35 -5.20
CA TYR A 33 24.80 -12.99 -3.90
C TYR A 33 23.28 -13.12 -3.93
N CYS A 34 22.71 -13.89 -3.01
CA CYS A 34 21.25 -13.94 -2.82
C CYS A 34 20.79 -12.79 -1.94
N SER A 35 20.23 -11.74 -2.54
CA SER A 35 19.77 -10.57 -1.79
C SER A 35 18.35 -10.81 -1.27
N GLU A 36 17.91 -10.00 -0.30
CA GLU A 36 16.66 -10.24 0.42
C GLU A 36 15.47 -9.50 -0.21
N GLY A 37 15.72 -8.62 -1.17
CA GLY A 37 14.64 -7.90 -1.83
C GLY A 37 15.18 -7.00 -2.93
N SER A 38 14.31 -6.26 -3.59
CA SER A 38 14.70 -5.38 -4.68
C SER A 38 15.20 -4.05 -4.13
N PRO A 39 16.22 -3.46 -4.78
CA PRO A 39 16.63 -2.12 -4.36
C PRO A 39 15.54 -1.11 -4.71
N GLU A 40 15.51 0.02 -4.00
CA GLU A 40 14.49 1.04 -4.25
C GLU A 40 14.83 1.89 -5.48
N GLY A 41 16.10 1.91 -5.86
CA GLY A 41 16.58 2.76 -6.94
C GLY A 41 18.09 2.76 -6.84
N PHE A 42 18.77 3.61 -7.60
CA PHE A 42 20.23 3.53 -7.66
C PHE A 42 20.97 4.82 -7.30
N ASN A 43 20.23 5.85 -6.91
CA ASN A 43 20.85 6.99 -6.25
C ASN A 43 20.62 6.86 -4.75
N PRO A 44 21.71 6.55 -4.01
CA PRO A 44 21.60 6.34 -2.57
C PRO A 44 21.14 7.59 -1.82
N GLN A 45 21.25 8.78 -2.41
CA GLN A 45 20.80 10.01 -1.72
C GLN A 45 19.31 9.95 -1.35
N LEU A 46 18.55 9.17 -2.12
CA LEU A 46 17.08 9.28 -2.11
C LEU A 46 16.43 8.25 -1.20
N PHE A 47 17.23 7.36 -0.61
CA PHE A 47 16.65 6.22 0.09
C PHE A 47 17.37 5.92 1.40
N THR A 48 16.80 5.01 2.19
CA THR A 48 17.41 4.67 3.49
C THR A 48 17.66 3.19 3.77
N SER A 49 17.24 2.29 2.88
CA SER A 49 17.34 0.86 3.21
C SER A 49 18.70 0.25 2.82
N GLY A 50 19.17 -0.67 3.65
CA GLY A 50 20.37 -1.44 3.35
C GLY A 50 20.23 -2.19 2.03
N THR A 51 19.00 -2.60 1.72
CA THR A 51 18.70 -3.30 0.48
C THR A 51 19.18 -2.44 -0.70
N THR A 52 18.81 -1.17 -0.66
CA THR A 52 19.17 -0.23 -1.72
C THR A 52 20.67 0.06 -1.73
N TYR A 53 21.25 0.25 -0.53
CA TYR A 53 22.65 0.61 -0.45
C TYR A 53 23.56 -0.51 -0.96
N ASP A 54 23.21 -1.76 -0.67
CA ASP A 54 24.01 -2.90 -1.17
C ASP A 54 24.09 -2.95 -2.69
N ALA A 55 23.05 -2.42 -3.33
CA ALA A 55 22.95 -2.46 -4.78
C ALA A 55 23.39 -1.16 -5.46
N SER A 56 23.70 -0.13 -4.67
CA SER A 56 23.97 1.18 -5.25
C SER A 56 25.26 1.81 -4.70
N SER A 57 25.17 2.48 -3.56
CA SER A 57 26.33 3.12 -2.96
C SER A 57 27.53 2.20 -2.74
N VAL A 58 27.30 0.97 -2.29
CA VAL A 58 28.42 0.09 -1.96
C VAL A 58 29.17 -0.38 -3.24
N PRO A 59 28.45 -0.91 -4.25
CA PRO A 59 29.22 -1.34 -5.43
C PRO A 59 29.63 -0.26 -6.44
N ILE A 60 28.81 0.78 -6.60
CA ILE A 60 28.94 1.67 -7.75
C ILE A 60 29.64 3.01 -7.45
N TYR A 61 29.45 3.49 -6.22
CA TYR A 61 29.88 4.83 -5.86
C TYR A 61 30.99 4.84 -4.84
N ASN A 62 31.63 5.99 -4.69
CA ASN A 62 32.54 6.26 -3.58
C ASN A 62 32.13 7.48 -2.77
N ARG A 63 32.70 7.56 -1.58
CA ARG A 63 32.57 8.72 -0.71
C ARG A 63 33.93 9.39 -0.52
N LEU A 64 33.93 10.60 0.04
CA LEU A 64 35.17 11.31 0.33
C LEU A 64 36.07 10.50 1.25
N VAL A 65 35.45 9.88 2.26
CA VAL A 65 36.15 9.05 3.22
C VAL A 65 35.37 7.75 3.38
N GLU A 66 36.02 6.72 3.92
CA GLU A 66 35.45 5.38 3.93
C GLU A 66 35.88 4.69 5.22
N PHE A 67 35.01 3.87 5.79
CA PHE A 67 35.40 3.11 6.96
C PHE A 67 36.23 1.91 6.53
N LYS A 68 37.27 1.57 7.27
CA LYS A 68 37.95 0.31 7.07
C LYS A 68 36.97 -0.84 7.32
N ILE A 69 36.87 -1.78 6.38
CA ILE A 69 35.85 -2.84 6.44
C ILE A 69 35.91 -3.63 7.75
N GLY A 70 34.76 -3.79 8.39
CA GLY A 70 34.72 -4.48 9.68
C GLY A 70 34.86 -3.53 10.87
N THR A 71 35.14 -2.26 10.60
CA THR A 71 35.38 -1.26 11.66
C THR A 71 34.64 0.04 11.42
N THR A 72 34.78 0.96 12.36
CA THR A 72 34.37 2.35 12.13
C THR A 72 35.60 3.28 12.08
N GLU A 73 36.74 2.75 11.65
CA GLU A 73 37.96 3.57 11.50
C GLU A 73 37.90 4.31 10.18
N ILE A 74 38.02 5.62 10.22
CA ILE A 74 37.86 6.42 9.00
C ILE A 74 39.17 6.46 8.21
N GLU A 75 39.08 6.24 6.89
CA GLU A 75 40.25 6.22 6.02
C GLU A 75 39.99 7.10 4.79
N PRO A 76 41.08 7.64 4.20
CA PRO A 76 40.98 8.39 2.94
C PRO A 76 40.28 7.57 1.86
N SER A 77 39.50 8.24 1.02
CA SER A 77 38.89 7.59 -0.13
C SER A 77 39.00 8.54 -1.34
N LEU A 78 37.91 9.17 -1.78
CA LEU A 78 38.05 10.17 -2.85
C LEU A 78 38.87 11.40 -2.40
N ALA A 79 38.84 11.70 -1.11
CA ALA A 79 39.74 12.68 -0.52
C ALA A 79 40.97 11.95 -0.02
N GLU A 80 42.16 12.34 -0.48
CA GLU A 80 43.36 11.64 -0.04
C GLU A 80 43.87 12.19 1.28
N ARG A 81 43.47 13.42 1.62
CA ARG A 81 43.74 13.98 2.94
C ARG A 81 42.82 15.16 3.21
N TRP A 82 42.78 15.59 4.47
CA TRP A 82 41.91 16.69 4.88
C TRP A 82 42.49 17.47 6.06
N GLU A 83 42.01 18.70 6.21
CA GLU A 83 42.35 19.55 7.34
C GLU A 83 41.07 20.05 8.02
N VAL A 84 41.11 20.20 9.34
CA VAL A 84 39.99 20.74 10.08
C VAL A 84 40.47 21.96 10.84
N SER A 85 39.75 23.08 10.70
CA SER A 85 40.11 24.31 11.41
C SER A 85 40.06 24.09 12.91
N GLU A 86 40.77 24.92 13.66
CA GLU A 86 40.86 24.73 15.11
C GLU A 86 39.50 24.95 15.78
N ASP A 87 38.64 25.77 15.18
CA ASP A 87 37.30 25.99 15.75
C ASP A 87 36.27 24.95 15.29
N GLY A 88 36.72 24.03 14.42
CA GLY A 88 35.91 22.90 13.98
C GLY A 88 34.83 23.19 12.96
N LYS A 89 34.77 24.42 12.45
CA LYS A 89 33.70 24.80 11.54
C LYS A 89 34.10 24.78 10.08
N THR A 90 35.35 24.42 9.79
CA THR A 90 35.81 24.33 8.40
C THR A 90 36.56 23.03 8.12
N TYR A 91 36.04 22.26 7.15
CA TYR A 91 36.65 21.01 6.71
C TYR A 91 37.14 21.15 5.28
N THR A 92 38.44 21.00 5.07
CA THR A 92 38.99 21.13 3.73
C THR A 92 39.53 19.79 3.26
N PHE A 93 39.05 19.35 2.10
CA PHE A 93 39.42 18.04 1.57
C PHE A 93 40.26 18.19 0.32
N TYR A 94 41.37 17.47 0.27
CA TYR A 94 42.26 17.50 -0.89
C TYR A 94 42.00 16.23 -1.70
N LEU A 95 41.50 16.43 -2.92
CA LEU A 95 40.87 15.35 -3.66
C LEU A 95 41.87 14.55 -4.47
N ARG A 96 41.65 13.25 -4.51
CA ARG A 96 42.51 12.34 -5.26
C ARG A 96 42.46 12.69 -6.74
N LYS A 97 43.63 12.75 -7.38
CA LYS A 97 43.72 13.03 -8.80
C LYS A 97 43.72 11.74 -9.63
N GLY A 98 43.24 11.84 -10.87
CA GLY A 98 43.31 10.72 -11.78
C GLY A 98 42.21 9.70 -11.58
N VAL A 99 41.13 10.11 -10.93
CA VAL A 99 39.99 9.21 -10.68
C VAL A 99 39.01 9.24 -11.86
N LYS A 100 38.84 8.12 -12.55
CA LYS A 100 37.94 8.07 -13.70
C LYS A 100 36.48 7.83 -13.29
N TRP A 101 35.57 8.48 -14.00
CA TRP A 101 34.13 8.22 -13.87
C TRP A 101 33.73 7.09 -14.79
N GLN A 102 32.69 6.34 -14.40
CA GLN A 102 32.16 5.27 -15.25
C GLN A 102 31.48 5.84 -16.49
N ASP A 103 31.14 4.95 -17.44
CA ASP A 103 30.44 5.38 -18.64
C ASP A 103 29.26 4.46 -18.94
N ASN A 104 28.30 4.95 -19.72
CA ASN A 104 27.20 4.12 -20.17
C ASN A 104 26.69 4.61 -21.52
N LYS A 105 25.57 4.06 -21.97
CA LYS A 105 25.06 4.38 -23.30
C LYS A 105 24.77 5.87 -23.46
N ASP A 106 24.44 6.53 -22.36
CA ASP A 106 24.10 7.95 -22.41
C ASP A 106 25.21 8.88 -21.93
N PHE A 107 26.37 8.32 -21.55
CA PHE A 107 27.41 9.17 -20.95
C PHE A 107 28.82 8.63 -21.11
N LYS A 108 29.69 9.50 -21.63
CA LYS A 108 31.13 9.23 -21.71
C LYS A 108 31.84 10.44 -21.13
N PRO A 109 32.56 10.26 -20.02
CA PRO A 109 33.15 11.41 -19.32
C PRO A 109 34.32 12.03 -20.08
N THR A 110 34.42 13.35 -20.03
CA THR A 110 35.49 14.06 -20.70
C THR A 110 36.48 14.61 -19.69
N ARG A 111 36.21 14.39 -18.40
CA ARG A 111 37.14 14.81 -17.35
C ARG A 111 37.09 13.83 -16.15
N ASP A 112 38.08 13.97 -15.26
CA ASP A 112 38.17 13.10 -14.10
C ASP A 112 37.45 13.70 -12.89
N PHE A 113 37.29 12.90 -11.85
CA PHE A 113 36.64 13.36 -10.63
C PHE A 113 37.27 14.65 -10.11
N ASN A 114 36.45 15.63 -9.71
CA ASN A 114 37.00 16.88 -9.16
C ASN A 114 36.02 17.55 -8.20
N ALA A 115 36.34 18.77 -7.79
CA ALA A 115 35.56 19.46 -6.76
C ALA A 115 34.10 19.67 -7.15
N ASP A 116 33.83 19.88 -8.44
CA ASP A 116 32.47 20.16 -8.91
C ASP A 116 31.53 18.97 -8.73
N ASP A 117 32.09 17.78 -8.76
CA ASP A 117 31.31 16.58 -8.52
C ASP A 117 30.82 16.58 -7.08
N VAL A 118 31.72 16.95 -6.17
CA VAL A 118 31.38 17.04 -4.75
C VAL A 118 30.33 18.12 -4.49
N ILE A 119 30.50 19.28 -5.11
CA ILE A 119 29.59 20.40 -4.89
C ILE A 119 28.18 20.10 -5.44
N TYR A 120 28.11 19.54 -6.65
CA TYR A 120 26.83 19.06 -7.20
C TYR A 120 26.14 18.08 -6.25
N SER A 121 26.89 17.11 -5.75
CA SER A 121 26.33 16.06 -4.90
C SER A 121 25.67 16.63 -3.67
N PHE A 122 26.28 17.65 -3.07
CA PHE A 122 25.67 18.20 -1.86
C PHE A 122 24.67 19.31 -2.14
N MSE A 123 24.88 20.13 -3.17
CA MSE A 123 23.96 21.24 -3.44
C MSE A 123 22.59 20.75 -3.96
O MSE A 123 21.55 21.37 -3.72
CB MSE A 123 24.57 22.23 -4.44
CG MSE A 123 25.72 23.05 -3.87
SE MSE A 123 25.18 24.35 -2.52
CE MSE A 123 25.38 23.29 -0.90
N ARG A 124 22.60 19.62 -4.67
CA ARG A 124 21.36 19.02 -5.13
C ARG A 124 20.44 18.71 -3.94
N GLN A 125 21.02 18.21 -2.87
CA GLN A 125 20.26 17.87 -1.68
C GLN A 125 19.86 19.11 -0.88
N LYS A 126 20.76 20.08 -0.81
CA LYS A 126 20.58 21.22 0.05
C LYS A 126 19.74 22.34 -0.56
N ASP A 127 19.99 22.62 -1.83
CA ASP A 127 19.49 23.86 -2.43
C ASP A 127 18.28 23.66 -3.33
N ASP A 128 17.15 24.27 -2.98
CA ASP A 128 15.93 24.04 -3.76
C ASP A 128 15.93 24.81 -5.06
N LYS A 129 16.99 25.59 -5.31
CA LYS A 129 17.13 26.24 -6.61
C LYS A 129 18.10 25.46 -7.51
N ASN A 130 18.77 24.44 -6.96
CA ASN A 130 19.50 23.51 -7.82
C ASN A 130 18.51 22.74 -8.68
N PRO A 131 18.75 22.67 -10.00
CA PRO A 131 17.78 22.05 -10.92
C PRO A 131 17.49 20.58 -10.59
N TYR A 132 18.36 19.92 -9.85
CA TYR A 132 18.15 18.50 -9.57
C TYR A 132 17.47 18.28 -8.23
N HIS A 133 17.20 19.36 -7.51
CA HIS A 133 16.68 19.21 -6.15
C HIS A 133 15.34 18.45 -6.11
N LYS A 134 14.44 18.72 -7.05
CA LYS A 134 13.16 18.02 -7.06
C LYS A 134 13.12 16.81 -8.01
N VAL A 135 14.24 16.52 -8.65
CA VAL A 135 14.29 15.36 -9.53
C VAL A 135 14.11 14.05 -8.71
N SER A 136 13.27 13.15 -9.25
CA SER A 136 12.86 11.92 -8.57
C SER A 136 12.16 12.20 -7.23
N GLY A 137 11.55 13.37 -7.10
CA GLY A 137 10.80 13.71 -5.90
C GLY A 137 11.63 14.44 -4.88
N GLY A 138 12.96 14.37 -5.01
CA GLY A 138 13.86 15.04 -4.10
C GLY A 138 13.60 14.71 -2.63
N SER A 139 13.58 13.42 -2.32
CA SER A 139 13.40 13.00 -0.94
C SER A 139 14.72 12.59 -0.34
N TYR A 140 15.49 13.61 0.08
CA TYR A 140 16.80 13.39 0.63
C TYR A 140 16.67 13.12 2.13
N GLU A 141 16.19 11.92 2.44
CA GLU A 141 15.71 11.60 3.78
C GLU A 141 16.82 11.71 4.85
N TYR A 142 17.96 11.08 4.62
CA TYR A 142 19.11 11.28 5.49
C TYR A 142 19.56 12.74 5.59
N PHE A 143 19.76 13.38 4.45
CA PHE A 143 20.28 14.75 4.45
C PHE A 143 19.38 15.66 5.32
N GLN A 144 18.08 15.53 5.10
CA GLN A 144 17.09 16.36 5.78
C GLN A 144 16.88 15.91 7.23
N GLY A 145 16.85 14.60 7.44
CA GLY A 145 16.64 14.07 8.78
C GLY A 145 17.81 14.36 9.72
N MSE A 146 19.01 14.49 9.16
CA MSE A 146 20.18 14.82 9.97
C MSE A 146 20.38 16.33 10.13
O MSE A 146 21.31 16.76 10.80
CB MSE A 146 21.43 14.20 9.36
CG MSE A 146 21.37 12.71 9.27
SE MSE A 146 22.82 11.93 8.22
CE MSE A 146 23.24 10.68 9.71
N GLY A 147 19.51 17.11 9.51
CA GLY A 147 19.64 18.56 9.52
C GLY A 147 20.93 19.07 8.87
N MSE A 148 21.41 18.37 7.85
CA MSE A 148 22.66 18.75 7.18
C MSE A 148 22.53 20.13 6.51
O MSE A 148 23.52 20.82 6.31
CB MSE A 148 23.04 17.70 6.15
CG MSE A 148 23.49 16.38 6.76
SE MSE A 148 25.23 16.54 7.65
CE MSE A 148 24.60 16.71 9.50
N GLY A 149 21.30 20.52 6.19
CA GLY A 149 21.06 21.83 5.61
C GLY A 149 21.32 22.98 6.56
N ASP A 150 21.01 22.80 7.84
CA ASP A 150 21.24 23.84 8.85
C ASP A 150 22.70 23.86 9.33
N LEU A 151 23.40 22.74 9.15
CA LEU A 151 24.80 22.63 9.54
C LEU A 151 25.74 23.16 8.46
N ILE A 152 25.61 22.61 7.24
CA ILE A 152 26.46 22.99 6.13
C ILE A 152 25.99 24.27 5.51
N THR A 153 26.75 25.34 5.73
CA THR A 153 26.33 26.63 5.25
C THR A 153 26.82 26.86 3.81
N ASN A 154 27.92 26.21 3.42
CA ASN A 154 28.45 26.34 2.06
C ASN A 154 29.37 25.17 1.73
N VAL A 155 29.43 24.82 0.44
CA VAL A 155 30.44 23.89 -0.05
C VAL A 155 31.22 24.59 -1.14
N VAL A 156 32.50 24.84 -0.92
CA VAL A 156 33.27 25.79 -1.71
C VAL A 156 34.38 25.14 -2.54
N LYS A 157 34.46 25.49 -3.82
CA LYS A 157 35.58 25.07 -4.64
C LYS A 157 36.81 25.93 -4.35
N VAL A 158 37.84 25.34 -3.77
CA VAL A 158 39.10 26.07 -3.55
C VAL A 158 39.93 26.01 -4.84
N ASP A 159 40.04 24.82 -5.42
CA ASP A 159 40.44 24.69 -6.82
C ASP A 159 39.86 23.38 -7.34
N ASP A 160 40.35 22.93 -8.49
CA ASP A 160 39.76 21.74 -9.10
C ASP A 160 39.88 20.51 -8.21
N ASN A 161 40.92 20.47 -7.38
CA ASN A 161 41.13 19.30 -6.53
C ASN A 161 41.03 19.59 -5.05
N THR A 162 40.32 20.66 -4.68
CA THR A 162 40.21 21.03 -3.27
C THR A 162 38.82 21.57 -2.97
N VAL A 163 38.10 20.90 -2.07
CA VAL A 163 36.75 21.31 -1.66
C VAL A 163 36.71 21.61 -0.18
N ARG A 164 35.94 22.63 0.17
CA ARG A 164 35.86 23.09 1.55
C ARG A 164 34.42 23.11 2.05
N PHE A 165 34.16 22.36 3.11
CA PHE A 165 32.87 22.45 3.79
C PHE A 165 32.95 23.51 4.89
N GLU A 166 32.02 24.46 4.86
CA GLU A 166 31.89 25.45 5.92
C GLU A 166 30.66 25.13 6.74
N LEU A 167 30.83 25.05 8.05
CA LEU A 167 29.73 24.67 8.94
C LEU A 167 29.32 25.85 9.82
N THR A 168 28.08 25.82 10.29
CA THR A 168 27.58 26.86 11.18
C THR A 168 28.05 26.66 12.63
N ARG A 169 28.53 25.46 12.94
CA ARG A 169 28.97 25.11 14.28
C ARG A 169 29.83 23.86 14.22
N PRO A 170 30.58 23.56 15.29
CA PRO A 170 31.32 22.30 15.32
C PRO A 170 30.39 21.09 15.30
N GLU A 171 30.81 20.02 14.64
CA GLU A 171 30.00 18.82 14.59
C GLU A 171 30.92 17.61 14.67
N SER A 172 31.04 17.01 15.86
CA SER A 172 31.94 15.88 16.05
C SER A 172 31.70 14.72 15.07
N PRO A 173 30.43 14.36 14.79
CA PRO A 173 30.24 13.26 13.83
C PRO A 173 30.45 13.61 12.34
N PHE A 174 30.87 14.84 12.02
CA PHE A 174 30.80 15.26 10.60
C PHE A 174 31.66 14.40 9.66
N LEU A 175 32.90 14.12 10.05
CA LEU A 175 33.78 13.29 9.21
C LEU A 175 33.17 11.89 9.00
N ALA A 176 32.64 11.32 10.09
CA ALA A 176 31.97 10.02 10.01
C ALA A 176 30.74 10.12 9.11
N ASP A 177 30.06 11.27 9.15
CA ASP A 177 28.88 11.45 8.30
C ASP A 177 29.24 11.37 6.83
N LEU A 178 30.41 11.91 6.46
CA LEU A 178 30.82 11.96 5.07
C LEU A 178 31.23 10.58 4.55
N ALA A 179 31.36 9.62 5.45
CA ALA A 179 31.60 8.24 5.06
C ALA A 179 30.29 7.46 4.79
N MSE A 180 29.16 8.11 4.97
CA MSE A 180 27.87 7.41 4.84
C MSE A 180 27.36 7.39 3.40
O MSE A 180 27.78 8.18 2.56
CB MSE A 180 26.82 8.05 5.77
CG MSE A 180 27.18 7.84 7.26
SE MSE A 180 25.99 8.74 8.49
CE MSE A 180 24.35 8.29 7.58
N ASP A 181 26.46 6.45 3.15
CA ASP A 181 25.95 6.21 1.80
C ASP A 181 25.30 7.43 1.16
N PHE A 182 24.51 8.18 1.93
CA PHE A 182 23.85 9.38 1.42
C PHE A 182 24.85 10.43 0.90
N ALA A 183 26.12 10.31 1.29
CA ALA A 183 27.13 11.30 0.91
C ALA A 183 27.99 10.79 -0.23
N SER A 184 27.47 9.82 -0.97
CA SER A 184 28.14 9.31 -2.15
C SER A 184 28.25 10.39 -3.22
N ILE A 185 29.33 10.34 -3.99
CA ILE A 185 29.61 11.39 -4.96
C ILE A 185 29.05 10.99 -6.31
N LEU A 186 28.17 11.82 -6.85
CA LEU A 186 27.58 11.65 -8.19
C LEU A 186 28.31 12.51 -9.21
N SER A 187 28.12 12.23 -10.49
CA SER A 187 28.83 12.94 -11.56
C SER A 187 28.14 14.24 -11.99
N ALA A 188 28.78 15.38 -11.79
CA ALA A 188 28.23 16.66 -12.24
C ALA A 188 28.23 16.78 -13.78
N GLU A 189 29.17 16.14 -14.45
CA GLU A 189 29.17 16.21 -15.91
C GLU A 189 27.96 15.43 -16.46
N TYR A 190 27.78 14.22 -15.97
CA TYR A 190 26.61 13.39 -16.28
C TYR A 190 25.32 14.13 -16.02
N ALA A 191 25.22 14.75 -14.83
CA ALA A 191 24.07 15.57 -14.48
C ALA A 191 23.88 16.73 -15.47
N ASP A 192 24.98 17.37 -15.86
CA ASP A 192 24.92 18.47 -16.84
C ASP A 192 24.34 18.00 -18.16
N ASN A 193 24.88 16.90 -18.67
CA ASN A 193 24.44 16.35 -19.95
C ASN A 193 22.97 15.93 -19.92
N MSE A 194 22.57 15.22 -18.88
CA MSE A 194 21.21 14.70 -18.82
C MSE A 194 20.18 15.82 -18.70
O MSE A 194 19.05 15.70 -19.19
CB MSE A 194 21.07 13.73 -17.64
CG MSE A 194 21.87 12.45 -17.82
SE MSE A 194 21.42 11.47 -19.45
CE MSE A 194 22.87 12.07 -20.62
N LEU A 195 20.58 16.94 -18.10
CA LEU A 195 19.69 18.08 -17.99
C LEU A 195 19.54 18.72 -19.36
N LYS A 196 20.66 18.88 -20.05
CA LYS A 196 20.65 19.46 -21.39
C LYS A 196 19.87 18.60 -22.39
N ALA A 197 19.86 17.28 -22.18
CA ALA A 197 19.13 16.37 -23.05
C ALA A 197 17.66 16.21 -22.65
N GLY A 198 17.26 16.87 -21.57
CA GLY A 198 15.87 16.84 -21.13
C GLY A 198 15.49 15.59 -20.37
N THR A 199 16.49 14.82 -19.94
CA THR A 199 16.25 13.58 -19.21
C THR A 199 17.06 13.46 -17.90
N PRO A 200 16.91 14.44 -16.99
CA PRO A 200 17.70 14.43 -15.76
C PRO A 200 17.47 13.21 -14.87
N GLU A 201 16.30 12.58 -15.00
CA GLU A 201 15.92 11.43 -14.17
C GLU A 201 16.85 10.25 -14.39
N LYS A 202 17.55 10.24 -15.52
CA LYS A 202 18.50 9.17 -15.83
C LYS A 202 19.69 9.15 -14.87
N VAL A 203 20.01 10.30 -14.29
CA VAL A 203 21.07 10.31 -13.27
C VAL A 203 20.71 9.37 -12.15
N ASP A 204 19.41 9.31 -11.83
CA ASP A 204 18.94 8.51 -10.70
C ASP A 204 18.59 7.08 -11.14
N LEU A 205 18.20 6.91 -12.39
CA LEU A 205 17.78 5.62 -12.93
C LEU A 205 18.96 4.80 -13.42
N ASN A 206 19.88 5.46 -14.10
CA ASN A 206 21.04 4.80 -14.70
C ASN A 206 22.34 5.29 -14.06
N PRO A 207 22.78 4.62 -13.00
CA PRO A 207 23.85 5.16 -12.13
C PRO A 207 25.23 5.18 -12.79
N ILE A 208 25.94 6.27 -12.54
CA ILE A 208 27.33 6.44 -12.98
C ILE A 208 28.19 6.77 -11.77
N GLY A 209 29.08 5.85 -11.39
CA GLY A 209 29.96 6.09 -10.26
C GLY A 209 31.45 6.09 -10.56
N THR A 210 32.24 6.23 -9.49
CA THR A 210 33.68 6.07 -9.54
C THR A 210 34.11 4.71 -8.99
N GLY A 211 33.14 3.92 -8.53
CA GLY A 211 33.40 2.74 -7.73
C GLY A 211 33.82 1.49 -8.49
N PRO A 212 34.11 0.40 -7.75
CA PRO A 212 34.68 -0.84 -8.30
C PRO A 212 33.78 -1.59 -9.28
N PHE A 213 32.46 -1.45 -9.18
CA PHE A 213 31.53 -2.13 -10.08
C PHE A 213 30.61 -1.15 -10.83
N GLN A 214 30.29 -1.46 -12.07
CA GLN A 214 29.27 -0.69 -12.79
C GLN A 214 28.05 -1.56 -13.10
N LEU A 215 26.88 -0.95 -13.01
CA LEU A 215 25.62 -1.65 -13.24
C LEU A 215 25.51 -2.03 -14.72
N GLN A 216 25.23 -3.30 -14.99
CA GLN A 216 25.12 -3.79 -16.36
C GLN A 216 23.66 -4.00 -16.78
N GLN A 217 22.91 -4.64 -15.90
CA GLN A 217 21.51 -4.96 -16.16
C GLN A 217 20.76 -5.04 -14.84
N TYR A 218 19.53 -4.55 -14.82
CA TYR A 218 18.65 -4.74 -13.69
C TYR A 218 17.31 -5.26 -14.19
N GLN A 219 16.90 -6.41 -13.69
CA GLN A 219 15.58 -6.93 -13.98
C GLN A 219 14.81 -6.96 -12.68
N LYS A 220 13.86 -6.04 -12.56
CA LYS A 220 13.17 -5.79 -11.31
C LYS A 220 12.65 -7.07 -10.66
N ASP A 221 12.91 -7.21 -9.37
CA ASP A 221 12.51 -8.37 -8.55
C ASP A 221 13.10 -9.69 -9.01
N SER A 222 14.07 -9.63 -9.89
CA SER A 222 14.64 -10.84 -10.41
C SER A 222 16.13 -10.85 -10.15
N ARG A 223 16.85 -9.93 -10.78
CA ARG A 223 18.32 -10.01 -10.71
C ARG A 223 18.98 -8.68 -10.98
N ILE A 224 20.17 -8.52 -10.43
CA ILE A 224 21.00 -7.39 -10.79
C ILE A 224 22.33 -7.90 -11.30
N LEU A 225 22.83 -7.30 -12.36
CA LEU A 225 24.11 -7.73 -12.92
C LEU A 225 25.09 -6.56 -12.94
N TYR A 226 26.29 -6.80 -12.40
CA TYR A 226 27.37 -5.82 -12.36
C TYR A 226 28.61 -6.41 -13.02
N LYS A 227 29.40 -5.56 -13.66
CA LYS A 227 30.75 -5.97 -14.05
C LYS A 227 31.77 -5.06 -13.37
N ALA A 228 32.97 -5.59 -13.12
CA ALA A 228 34.03 -4.77 -12.54
C ALA A 228 34.35 -3.59 -13.46
N PHE A 229 34.48 -2.40 -12.90
CA PHE A 229 34.80 -1.19 -13.68
C PHE A 229 36.30 -1.14 -13.98
N PRO A 230 36.68 -1.39 -15.25
CA PRO A 230 38.11 -1.51 -15.58
C PRO A 230 38.92 -0.27 -15.20
N GLY A 231 38.31 0.90 -15.29
CA GLY A 231 39.01 2.14 -14.99
C GLY A 231 39.01 2.57 -13.53
N PHE A 232 38.60 1.67 -12.64
CA PHE A 232 38.46 1.99 -11.21
C PHE A 232 39.78 2.45 -10.60
N TRP A 233 39.73 3.49 -9.77
CA TRP A 233 40.93 4.12 -9.21
C TRP A 233 41.64 3.28 -8.15
N GLY A 234 40.91 2.41 -7.45
CA GLY A 234 41.48 1.67 -6.34
C GLY A 234 41.96 0.27 -6.66
N THR A 235 42.04 -0.59 -5.64
CA THR A 235 42.44 -1.98 -5.85
C THR A 235 41.34 -2.70 -6.59
N LYS A 236 41.69 -3.36 -7.68
CA LYS A 236 40.70 -4.06 -8.48
C LYS A 236 40.09 -5.21 -7.68
N PRO A 237 38.77 -5.40 -7.83
CA PRO A 237 38.16 -6.60 -7.24
C PRO A 237 38.77 -7.86 -7.85
N LYS A 238 38.63 -8.98 -7.15
CA LYS A 238 39.17 -10.25 -7.60
C LYS A 238 38.10 -11.07 -8.31
N ILE A 239 36.90 -10.50 -8.42
CA ILE A 239 35.87 -11.04 -9.28
C ILE A 239 35.61 -9.99 -10.36
N ASP A 240 35.19 -10.43 -11.56
CA ASP A 240 34.87 -9.41 -12.57
C ASP A 240 33.38 -9.36 -12.93
N ARG A 241 32.58 -10.30 -12.41
CA ARG A 241 31.13 -10.20 -12.55
C ARG A 241 30.46 -10.45 -11.21
N LEU A 242 29.47 -9.63 -10.88
CA LEU A 242 28.75 -9.71 -9.61
C LEU A 242 27.25 -9.79 -9.90
N VAL A 243 26.63 -10.86 -9.46
CA VAL A 243 25.20 -11.07 -9.71
C VAL A 243 24.48 -11.09 -8.38
N PHE A 244 23.41 -10.29 -8.27
CA PHE A 244 22.45 -10.39 -7.18
C PHE A 244 21.24 -11.19 -7.65
N SER A 245 20.96 -12.31 -6.98
CA SER A 245 19.74 -13.04 -7.26
C SER A 245 18.73 -12.64 -6.20
N ILE A 246 17.71 -11.87 -6.59
CA ILE A 246 16.75 -11.33 -5.62
C ILE A 246 15.83 -12.44 -5.12
N THR A 247 15.93 -12.76 -3.83
CA THR A 247 15.37 -13.99 -3.28
C THR A 247 14.80 -13.71 -1.90
N PRO A 248 13.55 -13.17 -1.84
CA PRO A 248 13.01 -12.69 -0.56
C PRO A 248 12.71 -13.79 0.47
N ASP A 249 12.53 -15.04 0.05
CA ASP A 249 12.28 -16.11 1.01
C ASP A 249 13.58 -16.69 1.56
N ALA A 250 13.77 -16.61 2.87
CA ALA A 250 15.03 -17.02 3.52
C ALA A 250 15.33 -18.52 3.39
N SER A 251 14.29 -19.33 3.39
CA SER A 251 14.44 -20.76 3.17
C SER A 251 14.89 -21.07 1.75
N VAL A 252 14.35 -20.34 0.78
CA VAL A 252 14.80 -20.49 -0.60
C VAL A 252 16.25 -20.01 -0.72
N ARG A 253 16.61 -18.93 -0.01
CA ARG A 253 18.00 -18.46 -0.04
C ARG A 253 18.94 -19.57 0.44
N TYR A 254 18.58 -20.22 1.55
CA TYR A 254 19.43 -21.27 2.09
C TYR A 254 19.50 -22.49 1.17
N ALA A 255 18.38 -22.84 0.54
CA ALA A 255 18.39 -23.90 -0.46
C ALA A 255 19.35 -23.58 -1.62
N LYS A 256 19.35 -22.34 -2.07
CA LYS A 256 20.27 -21.94 -3.16
C LYS A 256 21.73 -21.98 -2.71
N LEU A 257 21.96 -21.52 -1.49
CA LEU A 257 23.29 -21.58 -0.89
C LEU A 257 23.80 -23.02 -0.83
N GLN A 258 22.97 -23.95 -0.36
CA GLN A 258 23.38 -25.35 -0.26
C GLN A 258 23.72 -25.94 -1.64
N LYS A 259 23.05 -25.45 -2.68
CA LYS A 259 23.33 -25.88 -4.07
C LYS A 259 24.45 -25.08 -4.73
N ASN A 260 24.97 -24.10 -4.00
CA ASN A 260 26.00 -23.20 -4.52
C ASN A 260 25.50 -22.42 -5.73
N GLU A 261 24.18 -22.20 -5.78
CA GLU A 261 23.56 -21.28 -6.73
C GLU A 261 23.82 -19.83 -6.31
N CYS A 262 23.99 -19.60 -5.01
CA CYS A 262 24.64 -18.36 -4.60
C CYS A 262 25.66 -18.69 -3.53
N GLN A 263 26.58 -17.77 -3.30
CA GLN A 263 27.72 -18.05 -2.43
C GLN A 263 27.63 -17.30 -1.12
N ILE A 264 26.74 -16.32 -1.06
CA ILE A 264 26.54 -15.48 0.14
C ILE A 264 25.06 -15.10 0.24
N MSE A 265 24.55 -15.04 1.46
CA MSE A 265 23.17 -14.62 1.71
C MSE A 265 23.09 -13.92 3.05
O MSE A 265 23.88 -14.22 3.93
CB MSE A 265 22.21 -15.82 1.70
CG MSE A 265 22.60 -16.89 2.74
SE MSE A 265 21.20 -18.19 3.05
CE MSE A 265 20.09 -17.11 4.21
N PRO A 266 22.12 -13.01 3.21
CA PRO A 266 21.89 -12.36 4.49
C PRO A 266 20.66 -12.96 5.20
N TYR A 267 20.52 -12.67 6.50
CA TYR A 267 19.30 -12.91 7.31
C TYR A 267 18.73 -14.33 7.19
N PRO A 268 19.50 -15.33 7.63
CA PRO A 268 18.97 -16.69 7.62
C PRO A 268 17.75 -16.82 8.52
N ASN A 269 16.84 -17.72 8.19
CA ASN A 269 15.78 -18.15 9.13
C ASN A 269 16.36 -18.41 10.52
N PRO A 270 15.81 -17.78 11.56
CA PRO A 270 16.41 -18.02 12.89
C PRO A 270 16.38 -19.47 13.30
N ALA A 271 15.37 -20.23 12.85
CA ALA A 271 15.33 -21.62 13.22
C ALA A 271 16.47 -22.41 12.57
N ASP A 272 16.98 -21.93 11.43
CA ASP A 272 18.01 -22.65 10.67
C ASP A 272 19.40 -22.58 11.25
N ILE A 273 19.59 -21.69 12.23
CA ILE A 273 20.93 -21.41 12.74
C ILE A 273 21.59 -22.69 13.26
N ALA A 274 20.85 -23.55 13.94
CA ALA A 274 21.45 -24.76 14.51
C ALA A 274 22.02 -25.71 13.44
N ARG A 275 21.25 -26.03 12.40
CA ARG A 275 21.81 -26.87 11.36
C ARG A 275 22.83 -26.14 10.47
N MSE A 276 22.73 -24.82 10.34
CA MSE A 276 23.76 -24.08 9.60
C MSE A 276 25.12 -24.21 10.26
O MSE A 276 26.15 -24.30 9.59
CB MSE A 276 23.40 -22.60 9.47
CG MSE A 276 22.49 -22.31 8.29
SE MSE A 276 21.89 -20.49 8.33
CE MSE A 276 20.80 -20.51 6.70
N LYS A 277 25.14 -24.22 11.60
CA LYS A 277 26.39 -24.42 12.32
C LYS A 277 26.98 -25.80 12.06
N GLU A 278 26.14 -26.74 11.66
CA GLU A 278 26.60 -28.09 11.32
C GLU A 278 26.81 -28.29 9.81
N ASP A 279 26.52 -27.25 9.05
CA ASP A 279 26.55 -27.32 7.59
C ASP A 279 27.99 -27.14 7.07
N LYS A 280 28.61 -28.21 6.59
CA LYS A 280 30.01 -28.16 6.24
C LYS A 280 30.30 -27.51 4.88
N THR A 281 29.27 -27.00 4.20
CA THR A 281 29.50 -26.22 2.98
C THR A 281 29.77 -24.76 3.26
N ILE A 282 29.41 -24.29 4.47
CA ILE A 282 29.50 -22.87 4.80
C ILE A 282 30.28 -22.52 6.06
N ASN A 283 30.75 -21.29 6.10
CA ASN A 283 31.23 -20.66 7.32
C ASN A 283 30.10 -19.74 7.79
N LEU A 284 29.59 -19.99 8.97
CA LEU A 284 28.52 -19.16 9.49
C LEU A 284 29.15 -18.10 10.37
N MSE A 285 29.34 -16.88 9.86
CA MSE A 285 29.92 -15.83 10.71
C MSE A 285 28.87 -15.24 11.61
O MSE A 285 27.71 -15.15 11.24
CB MSE A 285 30.53 -14.72 9.89
CG MSE A 285 32.04 -14.84 9.79
SE MSE A 285 32.34 -16.04 8.31
CE MSE A 285 32.12 -14.61 6.97
N GLU A 286 29.29 -14.80 12.79
CA GLU A 286 28.33 -14.20 13.69
C GLU A 286 28.96 -13.13 14.55
N GLN A 287 28.17 -12.10 14.84
CA GLN A 287 28.59 -11.05 15.76
C GLN A 287 27.39 -10.34 16.35
N PRO A 288 27.58 -9.67 17.51
CA PRO A 288 26.48 -8.88 18.08
C PRO A 288 26.15 -7.71 17.15
N GLY A 289 24.87 -7.48 16.85
CA GLY A 289 24.53 -6.47 15.87
C GLY A 289 24.62 -5.06 16.42
N LEU A 290 25.10 -4.15 15.59
CA LEU A 290 25.05 -2.73 15.93
C LEU A 290 23.69 -2.21 15.47
N ASN A 291 22.64 -2.75 16.08
CA ASN A 291 21.32 -2.55 15.52
C ASN A 291 20.22 -2.51 16.58
N VAL A 292 18.99 -2.29 16.12
CA VAL A 292 17.84 -2.28 17.02
C VAL A 292 16.57 -2.47 16.18
N GLY A 293 15.62 -3.20 16.74
CA GLY A 293 14.31 -3.34 16.13
C GLY A 293 13.29 -2.74 17.09
N TYR A 294 12.35 -1.98 16.56
CA TYR A 294 11.35 -1.35 17.42
C TYR A 294 10.04 -1.13 16.69
N LEU A 295 9.01 -0.76 17.44
CA LEU A 295 7.71 -0.42 16.88
C LEU A 295 7.45 1.06 17.16
N SER A 296 7.41 1.88 16.12
CA SER A 296 7.15 3.30 16.31
C SER A 296 5.67 3.59 16.54
N PHE A 297 5.36 4.38 17.57
CA PHE A 297 4.02 4.92 17.78
C PHE A 297 3.90 6.26 17.05
N ASN A 298 2.99 6.40 16.11
CA ASN A 298 2.77 7.70 15.45
C ASN A 298 2.02 8.63 16.41
N ILE A 299 2.72 9.53 17.09
CA ILE A 299 2.04 10.31 18.10
C ILE A 299 1.10 11.37 17.52
N GLU A 300 1.02 11.46 16.19
CA GLU A 300 0.01 12.34 15.58
C GLU A 300 -1.36 11.65 15.49
N LYS A 301 -1.40 10.35 15.77
CA LYS A 301 -2.66 9.58 15.68
C LYS A 301 -3.22 9.25 17.06
N LYS A 302 -4.49 9.55 17.29
CA LYS A 302 -5.19 9.11 18.49
C LYS A 302 -5.22 7.59 18.60
N PRO A 303 -5.08 7.04 19.82
CA PRO A 303 -4.82 7.72 21.09
C PRO A 303 -3.33 7.71 21.48
N LEU A 304 -2.45 7.64 20.48
CA LEU A 304 -1.04 7.41 20.71
C LEU A 304 -0.31 8.66 21.19
N ASP A 305 -1.01 9.79 21.18
CA ASP A 305 -0.46 11.03 21.69
C ASP A 305 -0.50 11.03 23.22
N ASN A 306 -1.18 10.04 23.80
CA ASN A 306 -1.31 9.95 25.24
C ASN A 306 -0.19 9.10 25.83
N LEU A 307 0.58 9.66 26.77
CA LEU A 307 1.75 8.96 27.31
C LEU A 307 1.38 7.64 27.98
N LYS A 308 0.35 7.63 28.83
CA LYS A 308 -0.06 6.38 29.48
C LYS A 308 -0.41 5.30 28.46
N VAL A 309 -1.04 5.68 27.34
CA VAL A 309 -1.34 4.68 26.31
C VAL A 309 -0.06 4.06 25.75
N ARG A 310 0.96 4.86 25.45
CA ARG A 310 2.22 4.30 24.92
C ARG A 310 2.90 3.38 25.93
N GLN A 311 2.83 3.76 27.20
CA GLN A 311 3.42 2.97 28.27
C GLN A 311 2.64 1.66 28.45
N ALA A 312 1.32 1.74 28.33
CA ALA A 312 0.48 0.55 28.41
C ALA A 312 0.78 -0.44 27.28
N LEU A 313 0.89 0.05 26.04
CA LEU A 313 1.21 -0.83 24.91
C LEU A 313 2.59 -1.44 25.10
N THR A 314 3.49 -0.71 25.74
CA THR A 314 4.83 -1.23 25.97
C THR A 314 4.78 -2.34 27.02
N MSE A 315 4.05 -2.10 28.12
CA MSE A 315 4.03 -3.03 29.26
C MSE A 315 3.22 -4.29 28.97
O MSE A 315 3.36 -5.30 29.67
CB MSE A 315 3.48 -2.34 30.51
CG MSE A 315 4.47 -1.38 31.15
SE MSE A 315 3.61 -0.28 32.50
CE MSE A 315 2.28 -1.59 33.01
N ALA A 316 2.38 -4.23 27.94
CA ALA A 316 1.59 -5.40 27.53
C ALA A 316 2.45 -6.43 26.80
N VAL A 317 3.61 -6.00 26.32
CA VAL A 317 4.39 -6.86 25.42
C VAL A 317 5.48 -7.59 26.21
N ASN A 318 5.53 -8.91 26.02
CA ASN A 318 6.57 -9.77 26.56
C ASN A 318 7.74 -9.84 25.58
N LYS A 319 8.75 -9.00 25.78
CA LYS A 319 9.86 -8.91 24.85
C LYS A 319 10.73 -10.19 24.86
N ASP A 320 10.91 -10.79 26.04
CA ASP A 320 11.63 -12.04 26.15
C ASP A 320 10.96 -13.16 25.33
N ALA A 321 9.63 -13.14 25.25
CA ALA A 321 8.89 -14.15 24.46
C ALA A 321 9.14 -13.96 22.97
N ILE A 322 9.33 -12.71 22.56
CA ILE A 322 9.70 -12.39 21.17
C ILE A 322 11.13 -12.85 20.85
N ILE A 323 12.05 -12.64 21.79
CA ILE A 323 13.42 -13.08 21.57
C ILE A 323 13.43 -14.59 21.40
N ASP A 324 12.66 -15.27 22.24
CA ASP A 324 12.56 -16.72 22.14
C ASP A 324 11.91 -17.18 20.83
N ALA A 325 10.77 -16.61 20.48
CA ALA A 325 9.96 -17.16 19.39
C ALA A 325 10.35 -16.64 18.02
N VAL A 326 10.65 -15.35 17.93
CA VAL A 326 10.95 -14.74 16.63
C VAL A 326 12.44 -14.86 16.33
N TYR A 327 13.28 -14.57 17.33
CA TYR A 327 14.74 -14.60 17.09
C TYR A 327 15.38 -15.94 17.42
N GLN A 328 14.58 -16.86 17.95
CA GLN A 328 15.03 -18.17 18.41
C GLN A 328 16.27 -18.05 19.28
N GLY A 329 16.25 -17.06 20.18
CA GLY A 329 17.34 -16.86 21.13
C GLY A 329 18.44 -15.92 20.64
N ALA A 330 18.39 -15.54 19.37
CA ALA A 330 19.52 -14.80 18.76
C ALA A 330 19.38 -13.29 18.87
N GLY A 331 19.34 -12.79 20.11
CA GLY A 331 19.31 -11.36 20.33
C GLY A 331 19.08 -11.10 21.80
N GLN A 332 18.80 -9.85 22.13
CA GLN A 332 18.59 -9.46 23.52
C GLN A 332 17.39 -8.54 23.59
N ALA A 333 16.51 -8.76 24.56
CA ALA A 333 15.38 -7.82 24.77
C ALA A 333 15.91 -6.43 25.11
N ALA A 334 15.31 -5.39 24.52
CA ALA A 334 15.89 -4.04 24.55
C ALA A 334 15.19 -3.11 25.53
N LYS A 335 15.97 -2.23 26.16
CA LYS A 335 15.39 -1.10 26.87
C LYS A 335 15.86 0.22 26.24
N ASN A 336 17.05 0.23 25.63
CA ASN A 336 17.59 1.44 25.02
C ASN A 336 17.63 1.35 23.50
N LEU A 337 17.52 2.49 22.83
CA LEU A 337 17.58 2.55 21.36
C LEU A 337 18.91 2.01 20.83
N ILE A 338 20.01 2.34 21.50
CA ILE A 338 21.32 1.85 21.07
C ILE A 338 21.67 0.54 21.75
N PRO A 339 22.37 -0.36 21.02
CA PRO A 339 22.73 -1.66 21.55
C PRO A 339 23.85 -1.51 22.55
N PRO A 340 24.04 -2.50 23.43
CA PRO A 340 25.09 -2.50 24.46
C PRO A 340 26.49 -2.28 23.90
N THR A 341 26.68 -2.54 22.61
CA THR A 341 28.00 -2.41 22.01
C THR A 341 28.26 -0.98 21.52
N MSE A 342 27.27 -0.09 21.68
CA MSE A 342 27.44 1.29 21.29
C MSE A 342 27.81 2.14 22.51
O MSE A 342 27.14 2.08 23.55
CB MSE A 342 26.17 1.85 20.62
CG MSE A 342 26.17 3.37 20.46
SE MSE A 342 27.49 3.99 19.15
CE MSE A 342 26.47 3.56 17.54
N TRP A 343 28.87 2.92 22.38
CA TRP A 343 29.29 3.74 23.50
C TRP A 343 28.21 4.76 23.83
N GLY A 344 28.13 5.14 25.10
CA GLY A 344 27.06 6.01 25.57
C GLY A 344 25.87 5.25 26.15
N TYR A 345 25.90 3.92 26.00
CA TYR A 345 24.82 3.04 26.48
C TYR A 345 24.53 3.24 27.96
N ASN A 346 23.28 3.47 28.31
CA ASN A 346 22.94 3.78 29.70
C ASN A 346 22.36 2.57 30.44
N ASP A 347 23.17 1.85 31.20
CA ASP A 347 22.62 0.67 31.85
C ASP A 347 21.71 0.99 33.04
N ASP A 348 21.66 2.25 33.47
CA ASP A 348 20.81 2.63 34.59
C ASP A 348 19.37 2.93 34.18
N VAL A 349 19.09 2.89 32.88
CA VAL A 349 17.74 3.11 32.40
C VAL A 349 16.84 2.00 32.96
N LYS A 350 15.62 2.35 33.32
CA LYS A 350 14.71 1.41 33.94
C LYS A 350 13.77 0.82 32.89
N ASP A 351 13.93 -0.49 32.67
CA ASP A 351 13.07 -1.26 31.77
C ASP A 351 11.60 -1.12 32.16
N TYR A 352 10.72 -0.96 31.17
CA TYR A 352 9.29 -1.17 31.44
C TYR A 352 9.14 -2.65 31.76
N ALA A 353 8.35 -2.95 32.79
CA ALA A 353 8.05 -4.34 33.12
C ALA A 353 6.97 -4.91 32.22
N TYR A 354 7.06 -6.20 31.93
CA TYR A 354 5.96 -6.92 31.29
C TYR A 354 4.87 -7.18 32.33
N ASP A 355 3.77 -6.45 32.24
CA ASP A 355 2.72 -6.56 33.25
C ASP A 355 1.37 -6.14 32.66
N PRO A 356 0.66 -7.08 32.02
CA PRO A 356 -0.61 -6.80 31.35
C PRO A 356 -1.64 -6.19 32.27
N ALA A 357 -1.69 -6.67 33.51
CA ALA A 357 -2.65 -6.18 34.49
C ALA A 357 -2.45 -4.69 34.71
N LYS A 358 -1.21 -4.29 34.92
CA LYS A 358 -0.94 -2.88 35.12
C LYS A 358 -1.14 -2.12 33.82
N ALA A 359 -0.87 -2.76 32.69
CA ALA A 359 -1.11 -2.10 31.40
C ALA A 359 -2.61 -1.81 31.25
N LYS A 360 -3.46 -2.78 31.60
CA LYS A 360 -4.90 -2.56 31.57
C LYS A 360 -5.33 -1.41 32.47
N GLU A 361 -4.74 -1.37 33.67
CA GLU A 361 -5.06 -0.30 34.60
C GLU A 361 -4.65 1.07 34.05
N LEU A 362 -3.49 1.15 33.42
CA LEU A 362 -3.09 2.41 32.79
C LEU A 362 -4.09 2.88 31.73
N LEU A 363 -4.61 1.93 30.94
CA LEU A 363 -5.61 2.31 29.92
C LEU A 363 -6.86 2.85 30.58
N LYS A 364 -7.25 2.21 31.68
CA LYS A 364 -8.40 2.72 32.45
C LYS A 364 -8.14 4.15 32.92
N GLU A 365 -6.92 4.38 33.44
CA GLU A 365 -6.56 5.69 33.97
C GLU A 365 -6.58 6.75 32.88
N ALA A 366 -6.27 6.31 31.66
CA ALA A 366 -6.26 7.17 30.49
C ALA A 366 -7.66 7.40 29.93
N GLY A 367 -8.66 6.78 30.54
CA GLY A 367 -10.02 6.92 30.07
C GLY A 367 -10.36 6.03 28.89
N LEU A 368 -9.65 4.90 28.77
CA LEU A 368 -9.95 3.90 27.74
C LEU A 368 -10.21 2.53 28.38
N PRO A 369 -11.26 2.42 29.20
CA PRO A 369 -11.52 1.16 29.91
C PRO A 369 -11.86 0.01 28.96
N ASP A 370 -12.32 0.33 27.75
CA ASP A 370 -12.68 -0.69 26.77
C ASP A 370 -11.66 -0.81 25.63
N GLY A 371 -10.43 -0.36 25.88
CA GLY A 371 -9.38 -0.44 24.88
C GLY A 371 -9.66 0.34 23.61
N PHE A 372 -9.11 -0.14 22.49
CA PHE A 372 -9.27 0.51 21.19
C PHE A 372 -8.69 -0.37 20.10
N SER A 373 -8.95 -0.01 18.84
CA SER A 373 -8.32 -0.65 17.68
C SER A 373 -7.24 0.23 17.08
N ILE A 374 -6.25 -0.39 16.44
CA ILE A 374 -5.10 0.33 15.90
C ILE A 374 -4.42 -0.55 14.84
N ASP A 375 -3.82 0.06 13.82
N ASP A 375 -3.82 0.04 13.81
CA ASP A 375 -3.10 -0.68 12.77
CA ASP A 375 -3.10 -0.79 12.86
C ASP A 375 -1.61 -0.83 13.14
C ASP A 375 -1.67 -0.98 13.35
N LEU A 376 -1.01 -1.95 12.73
CA LEU A 376 0.35 -2.29 13.07
C LEU A 376 1.01 -2.72 11.76
N TRP A 377 1.84 -1.84 11.19
CA TRP A 377 2.55 -2.15 9.96
C TRP A 377 3.74 -3.09 10.18
N ALA A 378 3.87 -4.14 9.36
CA ALA A 378 5.02 -5.04 9.41
C ALA A 378 5.63 -5.26 8.02
N MSE A 379 6.93 -5.04 7.88
CA MSE A 379 7.56 -5.15 6.56
C MSE A 379 7.54 -6.60 6.05
O MSE A 379 7.55 -7.55 6.83
CB MSE A 379 9.01 -4.61 6.61
CG MSE A 379 9.98 -5.40 7.49
SE MSE A 379 10.02 -4.76 9.34
CE MSE A 379 10.78 -2.98 9.02
N PRO A 380 7.49 -6.76 4.72
CA PRO A 380 7.42 -8.13 4.18
C PRO A 380 8.79 -8.72 3.91
N VAL A 381 9.85 -7.98 4.17
CA VAL A 381 11.20 -8.54 3.98
C VAL A 381 11.91 -8.76 5.31
N GLN A 382 12.88 -9.68 5.31
CA GLN A 382 13.73 -9.85 6.48
C GLN A 382 14.67 -8.66 6.59
N ARG A 383 14.89 -8.20 7.83
CA ARG A 383 15.83 -7.11 8.13
C ARG A 383 16.90 -7.62 9.11
N PRO A 384 18.06 -6.96 9.18
CA PRO A 384 19.05 -7.43 10.16
C PRO A 384 18.55 -7.36 11.60
N TYR A 385 17.61 -6.46 11.90
CA TYR A 385 17.09 -6.31 13.25
C TYR A 385 15.73 -7.00 13.43
N ASN A 386 15.22 -7.63 12.38
CA ASN A 386 13.91 -8.26 12.43
C ASN A 386 13.78 -9.34 11.35
N PRO A 387 13.97 -10.60 11.76
CA PRO A 387 13.96 -11.74 10.85
C PRO A 387 12.56 -12.11 10.37
N ASN A 388 11.52 -11.67 11.06
CA ASN A 388 10.16 -12.01 10.65
C ASN A 388 9.14 -11.07 11.27
N ALA A 389 8.95 -9.93 10.65
CA ALA A 389 8.11 -8.87 11.22
C ALA A 389 6.66 -9.32 11.35
N ARG A 390 6.19 -10.08 10.37
N ARG A 390 6.17 -10.10 10.39
CA ARG A 390 4.83 -10.62 10.37
CA ARG A 390 4.79 -10.54 10.43
C ARG A 390 4.57 -11.44 11.62
C ARG A 390 4.52 -11.50 11.60
N ARG A 391 5.45 -12.40 11.88
CA ARG A 391 5.30 -13.29 13.03
C ARG A 391 5.37 -12.49 14.33
N MSE A 392 6.31 -11.55 14.42
CA MSE A 392 6.41 -10.67 15.58
C MSE A 392 5.15 -9.81 15.77
O MSE A 392 4.70 -9.60 16.90
CB MSE A 392 7.62 -9.76 15.48
CG MSE A 392 7.87 -8.99 16.78
SE MSE A 392 9.32 -7.73 16.60
CE MSE A 392 10.73 -8.96 16.00
N ALA A 393 4.59 -9.32 14.67
CA ALA A 393 3.34 -8.54 14.73
C ALA A 393 2.22 -9.39 15.30
N GLU A 394 2.19 -10.68 14.95
CA GLU A 394 1.16 -11.59 15.46
C GLU A 394 1.29 -11.79 16.98
N MSE A 395 2.53 -11.83 17.46
CA MSE A 395 2.78 -11.92 18.90
C MSE A 395 2.34 -10.66 19.65
O MSE A 395 1.66 -10.75 20.68
CB MSE A 395 4.25 -12.20 19.15
CG MSE A 395 4.64 -13.55 18.61
SE MSE A 395 6.36 -14.07 19.26
CE MSE A 395 5.90 -14.05 21.17
N ILE A 396 2.72 -9.49 19.14
CA ILE A 396 2.30 -8.22 19.73
C ILE A 396 0.77 -8.08 19.67
N GLN A 397 0.19 -8.56 18.57
CA GLN A 397 -1.27 -8.55 18.43
C GLN A 397 -1.91 -9.33 19.55
N SER A 398 -1.38 -10.54 19.78
CA SER A 398 -1.88 -11.43 20.80
C SER A 398 -1.69 -10.81 22.20
N ASP A 399 -0.52 -10.21 22.44
CA ASP A 399 -0.28 -9.49 23.69
C ASP A 399 -1.25 -8.32 23.91
N TRP A 400 -1.41 -7.48 22.88
CA TRP A 400 -2.28 -6.31 22.98
C TRP A 400 -3.75 -6.70 23.20
N ALA A 401 -4.18 -7.80 22.61
CA ALA A 401 -5.54 -8.28 22.78
C ALA A 401 -5.88 -8.53 24.24
N LYS A 402 -4.91 -9.04 25.01
CA LYS A 402 -5.12 -9.32 26.43
C LYS A 402 -5.46 -8.08 27.25
N ILE A 403 -5.12 -6.91 26.74
CA ILE A 403 -5.53 -5.68 27.42
C ILE A 403 -6.60 -4.91 26.63
N GLY A 404 -7.26 -5.56 25.68
CA GLY A 404 -8.38 -4.93 24.98
C GLY A 404 -7.97 -4.05 23.82
N VAL A 405 -6.73 -4.17 23.37
CA VAL A 405 -6.29 -3.43 22.20
C VAL A 405 -6.27 -4.36 20.99
N LYS A 406 -7.05 -4.02 19.97
CA LYS A 406 -7.16 -4.88 18.77
C LYS A 406 -6.30 -4.35 17.64
N ALA A 407 -5.20 -5.05 17.38
CA ALA A 407 -4.26 -4.63 16.34
C ALA A 407 -4.62 -5.25 15.01
N LYS A 408 -4.58 -4.43 13.97
CA LYS A 408 -4.76 -4.89 12.59
C LYS A 408 -3.40 -4.87 11.87
N ILE A 409 -2.93 -6.04 11.46
CA ILE A 409 -1.62 -6.13 10.84
C ILE A 409 -1.68 -5.75 9.37
N VAL A 410 -0.84 -4.80 8.97
CA VAL A 410 -0.83 -4.25 7.62
C VAL A 410 0.57 -4.44 7.03
N THR A 411 0.66 -4.73 5.73
CA THR A 411 1.96 -4.76 5.07
C THR A 411 1.91 -4.06 3.71
N TYR A 412 3.10 -3.75 3.18
CA TYR A 412 3.32 -3.08 1.90
C TYR A 412 4.60 -3.61 1.27
N GLU A 413 4.69 -3.51 -0.06
N GLU A 413 4.70 -3.51 -0.06
CA GLU A 413 5.98 -3.62 -0.74
CA GLU A 413 5.98 -3.70 -0.73
C GLU A 413 6.99 -2.76 -0.01
C GLU A 413 7.02 -2.76 -0.10
N TRP A 414 8.20 -3.31 0.23
CA TRP A 414 9.23 -2.64 1.03
C TRP A 414 9.47 -1.15 0.74
N GLY A 415 9.71 -0.81 -0.53
CA GLY A 415 9.87 0.59 -0.91
C GLY A 415 8.67 1.45 -0.56
N GLU A 416 7.48 0.91 -0.81
CA GLU A 416 6.23 1.64 -0.55
C GLU A 416 5.97 1.78 0.95
N TYR A 417 6.32 0.73 1.69
CA TYR A 417 6.26 0.70 3.13
C TYR A 417 7.00 1.91 3.73
N LEU A 418 8.27 2.08 3.34
CA LEU A 418 9.08 3.16 3.85
C LEU A 418 8.56 4.52 3.40
N LYS A 419 8.13 4.62 2.16
CA LYS A 419 7.64 5.90 1.65
C LYS A 419 6.38 6.35 2.40
N ARG A 420 5.46 5.41 2.63
CA ARG A 420 4.18 5.78 3.25
C ARG A 420 4.32 6.05 4.75
N ALA A 421 5.26 5.37 5.40
CA ALA A 421 5.56 5.62 6.81
C ALA A 421 6.26 6.97 6.98
N LYS A 422 7.15 7.28 6.05
CA LYS A 422 7.76 8.61 6.04
C LYS A 422 6.68 9.68 5.91
N ASP A 423 5.61 9.35 5.17
CA ASP A 423 4.48 10.27 4.95
C ASP A 423 3.53 10.32 6.17
N GLY A 424 3.89 9.60 7.23
CA GLY A 424 3.10 9.60 8.45
C GLY A 424 1.72 8.95 8.35
N GLU A 425 1.59 7.94 7.48
CA GLU A 425 0.26 7.38 7.22
C GLU A 425 -0.10 6.23 8.18
N HIS A 426 0.92 5.67 8.82
CA HIS A 426 0.74 4.57 9.74
C HIS A 426 0.14 5.03 11.07
N GLU A 427 -0.36 4.08 11.85
CA GLU A 427 -0.68 4.36 13.24
C GLU A 427 0.47 3.82 14.12
N THR A 428 0.80 2.55 13.98
CA THR A 428 2.09 2.05 14.50
C THR A 428 2.79 1.30 13.38
N VAL A 429 4.13 1.32 13.38
CA VAL A 429 4.90 0.76 12.27
C VAL A 429 6.16 0.05 12.78
N MSE A 430 6.36 -1.21 12.38
N MSE A 430 6.37 -1.17 12.33
CA MSE A 430 7.61 -1.92 12.71
CA MSE A 430 7.60 -1.89 12.66
C MSE A 430 8.77 -1.24 12.02
C MSE A 430 8.77 -1.35 11.89
O MSE A 430 8.73 -1.01 10.82
O MSE A 430 8.68 -1.09 10.68
CB MSE A 430 7.58 -3.38 12.29
CB MSE A 430 7.43 -3.36 12.38
CG MSE A 430 6.37 -4.16 12.75
CG MSE A 430 6.55 -3.93 13.43
SE MSE A 430 6.77 -5.91 13.46
SE MSE A 430 7.68 -4.50 14.89
CE MSE A 430 7.56 -5.26 15.10
CE MSE A 430 7.39 -6.36 14.41
N MSE A 431 9.82 -0.94 12.79
N MSE A 431 9.87 -1.18 12.60
CA MSE A 431 10.96 -0.19 12.29
CA MSE A 431 10.98 -0.37 12.14
C MSE A 431 12.26 -0.77 12.84
C MSE A 431 12.27 -0.83 12.78
O MSE A 431 12.23 -1.65 13.70
O MSE A 431 12.25 -1.69 13.67
CB MSE A 431 10.84 1.29 12.67
CB MSE A 431 10.70 1.10 12.49
CG MSE A 431 11.01 2.28 11.56
CG MSE A 431 11.00 2.08 11.42
SE MSE A 431 11.98 1.57 10.03
SE MSE A 431 11.03 3.87 12.16
CE MSE A 431 10.42 1.19 8.91
CE MSE A 431 12.77 4.37 11.40
N GLY A 432 13.40 -0.27 12.37
CA GLY A 432 14.68 -0.63 12.96
C GLY A 432 15.86 0.06 12.31
N TRP A 433 17.06 -0.29 12.75
CA TRP A 433 18.23 0.43 12.29
C TRP A 433 19.48 -0.41 12.51
N THR A 434 20.38 -0.40 11.52
CA THR A 434 21.77 -0.76 11.75
C THR A 434 22.53 0.57 11.67
N GLY A 435 23.39 0.85 12.66
CA GLY A 435 24.12 2.11 12.69
C GLY A 435 24.98 2.28 11.42
N ASP A 436 25.06 3.52 10.94
CA ASP A 436 25.80 3.82 9.73
C ASP A 436 27.22 4.31 9.94
N ASN A 437 27.53 4.80 11.14
CA ASN A 437 28.82 5.48 11.31
C ASN A 437 29.47 5.31 12.67
N GLY A 438 28.88 4.45 13.52
CA GLY A 438 29.45 4.13 14.82
C GLY A 438 29.15 5.18 15.87
N ASP A 439 28.48 6.25 15.48
CA ASP A 439 28.20 7.36 16.40
C ASP A 439 26.76 7.32 16.93
N PRO A 440 26.57 7.60 18.23
CA PRO A 440 25.23 7.65 18.82
C PRO A 440 24.34 8.69 18.16
N ASP A 441 24.94 9.73 17.57
CA ASP A 441 24.10 10.74 16.93
C ASP A 441 23.28 10.09 15.83
N ASN A 442 23.86 9.10 15.14
CA ASN A 442 23.24 8.43 14.00
C ASN A 442 22.04 7.55 14.42
N PHE A 443 21.91 7.30 15.72
CA PHE A 443 20.71 6.65 16.26
C PHE A 443 19.75 7.72 16.80
N PHE A 444 20.14 8.41 17.88
CA PHE A 444 19.23 9.30 18.61
C PHE A 444 18.69 10.45 17.78
N ALA A 445 19.57 11.15 17.06
CA ALA A 445 19.16 12.31 16.29
C ALA A 445 18.53 11.89 14.98
N THR A 446 19.22 11.01 14.25
CA THR A 446 18.75 10.61 12.94
C THR A 446 17.37 9.89 13.04
N LEU A 447 17.10 9.24 14.16
CA LEU A 447 15.82 8.52 14.32
C LEU A 447 14.76 9.22 15.16
N PHE A 448 15.16 10.16 16.03
CA PHE A 448 14.15 10.71 16.95
C PHE A 448 14.23 12.23 17.17
N SER A 449 14.99 12.93 16.35
CA SER A 449 15.00 14.39 16.38
C SER A 449 13.80 15.03 15.68
N CYS A 450 13.61 16.32 15.93
CA CYS A 450 12.56 17.08 15.24
C CYS A 450 12.80 17.17 13.75
N ASP A 451 14.07 17.28 13.36
CA ASP A 451 14.40 17.34 11.94
C ASP A 451 13.90 16.05 11.28
N ALA A 452 14.16 14.95 11.96
CA ALA A 452 13.81 13.64 11.41
C ALA A 452 12.30 13.40 11.44
N ALA A 453 11.59 14.03 12.38
CA ALA A 453 10.13 13.94 12.41
C ALA A 453 9.51 14.64 11.20
N LYS A 454 10.10 15.77 10.81
CA LYS A 454 9.55 16.58 9.72
C LYS A 454 9.93 16.05 8.34
N GLN A 455 11.15 15.57 8.19
CA GLN A 455 11.64 15.22 6.87
C GLN A 455 12.51 13.97 6.83
N GLY A 456 12.61 13.25 7.94
CA GLY A 456 13.50 12.11 8.02
C GLY A 456 12.88 10.79 8.41
N SER A 457 13.66 9.96 9.09
CA SER A 457 13.24 8.61 9.46
C SER A 457 12.67 8.49 10.88
N ASN A 458 12.19 9.59 11.45
CA ASN A 458 11.50 9.57 12.76
C ASN A 458 10.02 9.28 12.51
N TYR A 459 9.66 8.00 12.43
CA TYR A 459 8.29 7.66 12.05
C TYR A 459 7.34 7.74 13.25
N SER A 460 7.89 7.98 14.45
CA SER A 460 7.07 8.32 15.62
C SER A 460 6.49 9.72 15.50
N LYS A 461 7.09 10.52 14.61
CA LYS A 461 6.76 11.94 14.47
C LYS A 461 6.94 12.67 15.80
N TRP A 462 7.86 12.16 16.62
CA TRP A 462 8.07 12.67 17.98
C TRP A 462 9.08 13.81 18.03
N CYS A 463 8.63 14.98 18.47
CA CYS A 463 9.51 16.13 18.53
C CYS A 463 9.40 16.74 19.93
N TYR A 464 10.45 16.58 20.72
CA TYR A 464 10.37 16.83 22.16
C TYR A 464 11.57 17.67 22.61
N LYS A 465 11.31 18.88 23.08
CA LYS A 465 12.38 19.83 23.41
C LYS A 465 13.42 19.32 24.44
N PRO A 466 12.99 18.65 25.53
CA PRO A 466 14.04 18.20 26.45
C PRO A 466 14.95 17.11 25.84
N PHE A 467 14.49 16.43 24.80
CA PHE A 467 15.34 15.50 24.06
C PHE A 467 16.33 16.29 23.20
N GLU A 468 15.82 17.21 22.39
CA GLU A 468 16.65 18.11 21.58
C GLU A 468 17.71 18.83 22.41
N ASP A 469 17.33 19.25 23.62
CA ASP A 469 18.25 19.93 24.52
C ASP A 469 19.46 19.05 24.87
N LEU A 470 19.36 17.75 24.63
CA LEU A 470 20.47 16.84 24.90
C LEU A 470 21.21 16.41 23.64
N ILE A 471 20.46 16.00 22.61
CA ILE A 471 21.12 15.44 21.45
C ILE A 471 21.78 16.53 20.59
N GLN A 472 21.28 17.76 20.65
CA GLN A 472 21.90 18.77 19.80
C GLN A 472 23.24 19.27 20.41
N PRO A 473 23.28 19.57 21.72
CA PRO A 473 24.61 19.92 22.25
C PRO A 473 25.59 18.75 22.18
N ALA A 474 25.09 17.52 22.22
CA ALA A 474 25.96 16.34 22.14
C ALA A 474 26.71 16.23 20.82
N ARG A 475 26.09 16.67 19.72
CA ARG A 475 26.77 16.67 18.42
C ARG A 475 27.90 17.68 18.37
N ALA A 476 27.69 18.82 19.01
CA ALA A 476 28.64 19.93 18.95
C ALA A 476 29.81 19.75 19.94
N GLU A 477 29.56 18.99 20.99
CA GLU A 477 30.54 18.74 22.05
C GLU A 477 31.70 17.85 21.57
N ALA A 478 32.93 18.29 21.79
CA ALA A 478 34.10 17.53 21.35
C ALA A 478 34.64 16.58 22.45
N ASP A 479 34.34 16.88 23.70
CA ASP A 479 34.81 16.06 24.83
C ASP A 479 34.04 14.75 24.90
N HIS A 480 34.74 13.63 24.74
CA HIS A 480 34.06 12.33 24.66
C HIS A 480 33.22 12.03 25.90
N ASP A 481 33.80 12.24 27.08
CA ASP A 481 33.07 11.93 28.31
C ASP A 481 31.85 12.82 28.44
N LYS A 482 31.95 14.05 27.96
CA LYS A 482 30.80 14.93 27.97
C LYS A 482 29.72 14.44 27.01
N ARG A 483 30.11 13.99 25.81
CA ARG A 483 29.13 13.41 24.89
C ARG A 483 28.43 12.20 25.52
N VAL A 484 29.20 11.39 26.25
CA VAL A 484 28.64 10.20 26.89
C VAL A 484 27.55 10.57 27.89
N ALA A 485 27.82 11.62 28.67
CA ALA A 485 26.88 12.11 29.67
C ALA A 485 25.57 12.56 29.04
N LEU A 486 25.67 13.31 27.95
CA LEU A 486 24.49 13.83 27.26
C LEU A 486 23.66 12.70 26.64
N TYR A 487 24.32 11.70 26.05
CA TYR A 487 23.57 10.61 25.43
C TYR A 487 22.95 9.69 26.50
N LYS A 488 23.63 9.49 27.63
CA LYS A 488 23.05 8.72 28.73
C LYS A 488 21.73 9.34 29.18
N GLN A 489 21.71 10.67 29.25
N GLN A 489 21.67 10.67 29.27
CA GLN A 489 20.53 11.42 29.67
CA GLN A 489 20.44 11.34 29.71
C GLN A 489 19.43 11.38 28.60
C GLN A 489 19.39 11.33 28.59
N ALA A 490 19.83 11.38 27.34
CA ALA A 490 18.89 11.28 26.21
C ALA A 490 18.12 9.97 26.26
N GLN A 491 18.76 8.93 26.75
CA GLN A 491 18.11 7.62 26.88
C GLN A 491 17.07 7.65 27.99
N VAL A 492 17.40 8.27 29.11
CA VAL A 492 16.43 8.49 30.17
C VAL A 492 15.20 9.24 29.63
N VAL A 493 15.44 10.36 28.95
CA VAL A 493 14.33 11.21 28.50
C VAL A 493 13.44 10.47 27.50
N MSE A 494 14.08 9.71 26.63
CA MSE A 494 13.35 8.98 25.64
C MSE A 494 12.53 7.84 26.27
O MSE A 494 11.34 7.68 25.95
CB MSE A 494 14.31 8.43 24.60
CG MSE A 494 13.65 7.87 23.41
SE MSE A 494 14.98 7.31 22.08
CE MSE A 494 13.76 6.11 21.23
N ASN A 495 13.14 7.08 27.17
CA ASN A 495 12.42 6.03 27.86
C ASN A 495 11.18 6.52 28.64
N GLU A 496 11.33 7.64 29.33
CA GLU A 496 10.21 8.26 30.05
C GLU A 496 9.02 8.63 29.14
N GLN A 497 9.30 8.98 27.90
CA GLN A 497 8.26 9.43 26.98
C GLN A 497 7.76 8.34 26.03
N ALA A 498 8.47 7.22 26.00
CA ALA A 498 8.07 6.05 25.21
C ALA A 498 7.54 6.34 23.78
N PRO A 499 8.30 7.09 22.95
CA PRO A 499 7.79 7.36 21.60
C PRO A 499 7.80 6.11 20.69
N ALA A 500 8.46 5.07 21.16
CA ALA A 500 8.54 3.82 20.43
C ALA A 500 8.65 2.69 21.43
N LEU A 501 8.21 1.52 21.00
CA LEU A 501 8.35 0.30 21.77
C LEU A 501 9.64 -0.38 21.33
N ILE A 502 10.68 -0.26 22.16
CA ILE A 502 12.01 -0.76 21.76
C ILE A 502 12.05 -2.26 22.08
N ILE A 503 12.24 -3.09 21.07
CA ILE A 503 12.01 -4.51 21.29
C ILE A 503 13.28 -5.33 21.46
N ALA A 504 14.22 -5.19 20.54
CA ALA A 504 15.37 -6.09 20.50
C ALA A 504 16.63 -5.45 19.92
N HIS A 505 17.78 -5.97 20.35
CA HIS A 505 19.05 -5.81 19.64
C HIS A 505 19.44 -7.22 19.20
N SER A 506 19.76 -7.43 17.93
CA SER A 506 19.86 -8.81 17.44
C SER A 506 21.27 -9.27 17.07
N THR A 507 21.47 -10.58 17.19
CA THR A 507 22.69 -11.22 16.72
C THR A 507 22.68 -11.28 15.20
N VAL A 508 23.84 -11.02 14.60
CA VAL A 508 23.96 -11.08 13.14
C VAL A 508 24.61 -12.41 12.71
N TYR A 509 23.99 -13.08 11.75
CA TYR A 509 24.53 -14.32 11.20
C TYR A 509 24.69 -14.14 9.70
N GLU A 510 25.88 -14.44 9.19
CA GLU A 510 26.15 -14.31 7.76
C GLU A 510 26.74 -15.61 7.22
N PRO A 511 25.91 -16.39 6.53
CA PRO A 511 26.34 -17.67 5.95
C PRO A 511 27.08 -17.44 4.64
N VAL A 512 28.27 -17.99 4.53
CA VAL A 512 29.13 -17.77 3.37
C VAL A 512 29.70 -19.11 2.94
N ARG A 513 29.53 -19.50 1.67
CA ARG A 513 30.17 -20.72 1.15
C ARG A 513 31.66 -20.74 1.49
N LYS A 514 32.18 -21.91 1.84
CA LYS A 514 33.58 -22.01 2.19
C LYS A 514 34.49 -21.71 0.99
N GLU A 515 33.97 -21.80 -0.23
CA GLU A 515 34.75 -21.45 -1.43
C GLU A 515 35.09 -19.94 -1.50
N VAL A 516 34.40 -19.14 -0.71
CA VAL A 516 34.62 -17.69 -0.70
C VAL A 516 35.74 -17.30 0.26
N LYS A 517 36.70 -16.54 -0.24
CA LYS A 517 37.79 -16.05 0.60
C LYS A 517 37.75 -14.54 0.64
N GLY A 518 38.14 -13.95 1.77
CA GLY A 518 38.26 -12.50 1.84
C GLY A 518 37.00 -11.77 2.27
N TYR A 519 35.93 -12.50 2.59
CA TYR A 519 34.69 -11.84 3.02
C TYR A 519 34.80 -11.40 4.49
N VAL A 520 34.42 -10.15 4.74
CA VAL A 520 34.49 -9.58 6.08
C VAL A 520 33.12 -9.04 6.46
N VAL A 521 32.60 -9.47 7.60
CA VAL A 521 31.30 -8.97 8.08
C VAL A 521 31.42 -7.48 8.44
N ASP A 522 30.45 -6.68 8.00
CA ASP A 522 30.39 -5.24 8.28
C ASP A 522 29.46 -4.95 9.46
N PRO A 523 29.99 -4.41 10.56
CA PRO A 523 29.09 -4.06 11.68
C PRO A 523 28.09 -2.97 11.26
N LEU A 524 28.40 -2.21 10.22
CA LEU A 524 27.45 -1.21 9.72
C LEU A 524 26.43 -1.80 8.73
N GLY A 525 26.44 -3.11 8.54
CA GLY A 525 25.31 -3.81 7.94
C GLY A 525 25.25 -3.94 6.42
N LYS A 526 26.24 -3.41 5.72
CA LYS A 526 26.23 -3.58 4.28
C LYS A 526 27.03 -4.83 3.89
N HIS A 527 26.85 -5.28 2.66
CA HIS A 527 27.55 -6.47 2.21
C HIS A 527 28.48 -6.09 1.10
N HIS A 528 29.77 -6.36 1.29
CA HIS A 528 30.83 -5.87 0.41
C HIS A 528 31.48 -6.99 -0.38
N PHE A 529 31.58 -6.83 -1.69
CA PHE A 529 32.10 -7.91 -2.51
C PHE A 529 33.34 -7.50 -3.28
N ASP A 530 33.90 -6.32 -2.99
CA ASP A 530 35.02 -5.81 -3.78
C ASP A 530 36.35 -6.39 -3.32
N ASN A 531 36.38 -7.23 -2.30
N ASN A 531 36.26 -7.22 -2.28
CA ASN A 531 37.66 -7.86 -2.00
CA ASN A 531 37.39 -7.78 -1.57
C ASN A 531 37.60 -9.39 -1.92
C ASN A 531 37.47 -9.32 -1.66
N VAL A 532 36.43 -9.96 -2.18
CA VAL A 532 36.33 -11.42 -2.13
C VAL A 532 36.89 -12.11 -3.38
N SER A 533 37.43 -13.31 -3.20
CA SER A 533 37.76 -14.18 -4.33
C SER A 533 37.04 -15.52 -4.17
N LEU A 534 37.04 -16.32 -5.23
CA LEU A 534 36.49 -17.66 -5.19
C LEU A 534 37.59 -18.68 -5.42
N ASP A 535 37.59 -19.75 -4.63
CA ASP A 535 38.49 -20.87 -4.84
C ASP A 535 38.39 -21.46 -6.23
N ALA A 536 39.44 -22.16 -6.65
CA ALA A 536 39.51 -22.79 -7.95
C ALA A 536 38.44 -23.87 -8.09
N GLY A 537 38.29 -24.71 -7.07
CA GLY A 537 37.35 -25.81 -7.13
C GLY A 537 36.19 -25.61 -6.19
N GLU A 538 35.31 -26.61 -6.10
N GLU A 538 35.29 -26.60 -6.12
CA GLU A 538 34.13 -26.45 -5.27
CA GLU A 538 34.11 -26.44 -5.30
C GLU A 538 33.67 -27.76 -4.66
C GLU A 538 33.65 -27.74 -4.68
N ASN A 539 32.90 -27.60 -3.59
CA ASN A 539 32.36 -28.71 -2.83
C ASN A 539 30.99 -29.05 -3.42
N LEU A 540 30.77 -30.30 -3.77
CA LEU A 540 29.51 -30.70 -4.38
C LEU A 540 28.59 -31.49 -3.45
N TYR A 541 28.96 -31.64 -2.17
CA TYR A 541 28.11 -32.39 -1.24
C TYR A 541 26.95 -31.50 -0.77
N LYS B 29 -16.34 -6.21 -37.15
CA LYS B 29 -16.73 -4.87 -36.73
C LYS B 29 -16.18 -4.61 -35.33
N THR B 30 -15.39 -3.56 -35.18
CA THR B 30 -14.73 -3.26 -33.91
C THR B 30 -15.41 -2.13 -33.17
N LEU B 31 -15.62 -2.30 -31.87
CA LEU B 31 -16.09 -1.20 -31.04
C LEU B 31 -15.05 -0.87 -29.98
N VAL B 32 -14.72 0.41 -29.84
CA VAL B 32 -13.73 0.84 -28.86
C VAL B 32 -14.40 1.65 -27.76
N TYR B 33 -14.27 1.17 -26.53
CA TYR B 33 -14.78 1.82 -25.34
C TYR B 33 -13.63 2.46 -24.56
N CYS B 34 -13.72 3.76 -24.29
CA CYS B 34 -12.72 4.42 -23.46
C CYS B 34 -13.07 4.20 -22.00
N SER B 35 -12.41 3.26 -21.34
CA SER B 35 -12.73 3.01 -19.93
C SER B 35 -11.96 3.96 -19.01
N GLU B 36 -12.40 4.04 -17.76
CA GLU B 36 -11.95 5.06 -16.82
C GLU B 36 -10.77 4.58 -15.98
N GLY B 37 -10.47 3.30 -16.06
CA GLY B 37 -9.34 2.76 -15.34
C GLY B 37 -9.25 1.26 -15.53
N SER B 38 -8.27 0.66 -14.86
CA SER B 38 -7.94 -0.75 -15.06
C SER B 38 -8.83 -1.63 -14.22
N PRO B 39 -9.20 -2.81 -14.76
CA PRO B 39 -9.98 -3.77 -13.98
C PRO B 39 -9.12 -4.36 -12.87
N GLU B 40 -9.73 -4.84 -11.79
CA GLU B 40 -8.97 -5.43 -10.67
C GLU B 40 -8.56 -6.87 -10.95
N GLY B 41 -9.27 -7.53 -11.85
CA GLY B 41 -9.02 -8.93 -12.14
C GLY B 41 -10.17 -9.40 -12.98
N PHE B 42 -10.26 -10.70 -13.24
CA PHE B 42 -11.29 -11.20 -14.15
C PHE B 42 -12.27 -12.22 -13.57
N ASN B 43 -12.20 -12.47 -12.27
CA ASN B 43 -13.26 -13.20 -11.58
C ASN B 43 -14.10 -12.22 -10.75
N PRO B 44 -15.35 -11.94 -11.20
CA PRO B 44 -16.19 -10.93 -10.54
C PRO B 44 -16.55 -11.25 -9.09
N GLN B 45 -16.41 -12.51 -8.69
CA GLN B 45 -16.71 -12.94 -7.32
C GLN B 45 -15.86 -12.18 -6.29
N LEU B 46 -14.65 -11.81 -6.71
CA LEU B 46 -13.63 -11.32 -5.79
C LEU B 46 -13.58 -9.79 -5.64
N PHE B 47 -14.41 -9.07 -6.39
CA PHE B 47 -14.26 -7.61 -6.49
C PHE B 47 -15.61 -6.91 -6.44
N THR B 48 -15.60 -5.58 -6.37
CA THR B 48 -16.83 -4.83 -6.22
C THR B 48 -16.96 -3.64 -7.16
N SER B 49 -15.93 -3.28 -7.93
CA SER B 49 -16.01 -2.05 -8.72
C SER B 49 -16.65 -2.27 -10.09
N GLY B 50 -17.38 -1.26 -10.56
CA GLY B 50 -18.00 -1.31 -11.87
C GLY B 50 -16.93 -1.42 -12.95
N THR B 51 -15.75 -0.89 -12.67
CA THR B 51 -14.60 -0.99 -13.57
C THR B 51 -14.28 -2.46 -13.87
N THR B 52 -14.25 -3.25 -12.81
CA THR B 52 -13.96 -4.67 -12.97
C THR B 52 -15.10 -5.39 -13.65
N TYR B 53 -16.33 -5.13 -13.21
CA TYR B 53 -17.48 -5.81 -13.76
C TYR B 53 -17.68 -5.56 -15.26
N ASP B 54 -17.40 -4.34 -15.70
CA ASP B 54 -17.49 -4.01 -17.13
C ASP B 54 -16.49 -4.83 -17.95
N ALA B 55 -15.41 -5.27 -17.30
CA ALA B 55 -14.37 -6.03 -17.99
C ALA B 55 -14.46 -7.54 -17.76
N SER B 56 -15.38 -7.98 -16.89
CA SER B 56 -15.37 -9.40 -16.52
C SER B 56 -16.78 -10.01 -16.57
N SER B 57 -17.55 -9.87 -15.49
CA SER B 57 -18.91 -10.42 -15.43
C SER B 57 -19.79 -10.04 -16.62
N VAL B 58 -19.74 -8.76 -17.03
CA VAL B 58 -20.62 -8.32 -18.11
C VAL B 58 -20.28 -8.92 -19.49
N PRO B 59 -19.01 -8.80 -19.96
CA PRO B 59 -18.78 -9.38 -21.30
C PRO B 59 -18.58 -10.90 -21.35
N ILE B 60 -18.02 -11.48 -20.30
CA ILE B 60 -17.48 -12.83 -20.35
C ILE B 60 -18.38 -13.90 -19.73
N TYR B 61 -19.09 -13.55 -18.68
CA TYR B 61 -19.87 -14.55 -17.95
C TYR B 61 -21.38 -14.38 -18.05
N ASN B 62 -22.08 -15.39 -17.53
CA ASN B 62 -23.51 -15.33 -17.35
C ASN B 62 -23.89 -15.65 -15.92
N ARG B 63 -25.12 -15.25 -15.57
CA ARG B 63 -25.71 -15.54 -14.27
C ARG B 63 -26.96 -16.38 -14.48
N LEU B 64 -27.49 -16.97 -13.42
CA LEU B 64 -28.69 -17.80 -13.51
C LEU B 64 -29.87 -17.02 -14.09
N VAL B 65 -30.04 -15.78 -13.62
CA VAL B 65 -31.02 -14.88 -14.18
C VAL B 65 -30.34 -13.56 -14.53
N GLU B 66 -31.04 -12.71 -15.25
CA GLU B 66 -30.44 -11.47 -15.75
C GLU B 66 -31.46 -10.34 -15.75
N PHE B 67 -31.05 -9.13 -15.38
CA PHE B 67 -31.96 -7.99 -15.49
C PHE B 67 -32.13 -7.61 -16.96
N LYS B 68 -33.38 -7.35 -17.37
CA LYS B 68 -33.62 -6.76 -18.68
C LYS B 68 -32.86 -5.42 -18.77
N ILE B 69 -32.03 -5.25 -19.80
CA ILE B 69 -31.15 -4.08 -19.86
C ILE B 69 -31.95 -2.77 -19.78
N GLY B 70 -31.49 -1.84 -18.95
CA GLY B 70 -32.22 -0.59 -18.73
C GLY B 70 -33.23 -0.66 -17.59
N THR B 71 -33.41 -1.85 -17.01
CA THR B 71 -34.43 -2.06 -15.98
C THR B 71 -33.90 -2.91 -14.83
N THR B 72 -34.75 -3.15 -13.83
CA THR B 72 -34.47 -4.18 -12.84
C THR B 72 -35.52 -5.29 -12.88
N GLU B 73 -36.13 -5.48 -14.04
CA GLU B 73 -37.02 -6.63 -14.21
C GLU B 73 -36.18 -7.86 -14.49
N ILE B 74 -36.48 -8.95 -13.80
CA ILE B 74 -35.64 -10.16 -13.85
C ILE B 74 -36.10 -11.12 -14.94
N GLU B 75 -35.15 -11.58 -15.74
CA GLU B 75 -35.46 -12.48 -16.86
C GLU B 75 -34.60 -13.75 -16.81
N PRO B 76 -35.06 -14.83 -17.46
CA PRO B 76 -34.26 -16.06 -17.42
C PRO B 76 -32.90 -15.87 -18.11
N SER B 77 -31.89 -16.61 -17.68
CA SER B 77 -30.60 -16.61 -18.36
C SER B 77 -30.08 -18.05 -18.43
N LEU B 78 -29.00 -18.37 -17.72
CA LEU B 78 -28.54 -19.77 -17.65
C LEU B 78 -29.60 -20.70 -17.05
N ALA B 79 -30.41 -20.16 -16.15
CA ALA B 79 -31.62 -20.88 -15.73
C ALA B 79 -32.76 -20.51 -16.64
N GLU B 80 -33.36 -21.51 -17.27
CA GLU B 80 -34.46 -21.31 -18.22
C GLU B 80 -35.78 -20.99 -17.53
N ARG B 81 -35.97 -21.55 -16.34
CA ARG B 81 -37.12 -21.19 -15.52
C ARG B 81 -36.83 -21.54 -14.07
N TRP B 82 -37.73 -21.15 -13.17
CA TRP B 82 -37.51 -21.38 -11.75
C TRP B 82 -38.80 -21.46 -10.96
N GLU B 83 -38.71 -22.03 -9.75
CA GLU B 83 -39.85 -22.11 -8.84
C GLU B 83 -39.43 -21.67 -7.46
N VAL B 84 -40.38 -21.12 -6.70
CA VAL B 84 -40.17 -20.76 -5.31
C VAL B 84 -41.21 -21.44 -4.43
N SER B 85 -40.76 -22.03 -3.32
CA SER B 85 -41.66 -22.70 -2.37
C SER B 85 -42.60 -21.71 -1.67
N GLU B 86 -43.77 -22.19 -1.27
CA GLU B 86 -44.78 -21.36 -0.63
C GLU B 86 -44.26 -20.62 0.60
N ASP B 87 -43.29 -21.21 1.29
CA ASP B 87 -42.73 -20.58 2.47
C ASP B 87 -41.53 -19.69 2.13
N GLY B 88 -41.24 -19.58 0.83
CA GLY B 88 -40.20 -18.69 0.34
C GLY B 88 -38.77 -19.12 0.61
N LYS B 89 -38.60 -20.32 1.17
CA LYS B 89 -37.29 -20.75 1.64
C LYS B 89 -36.53 -21.67 0.67
N THR B 90 -37.15 -22.03 -0.44
CA THR B 90 -36.49 -22.89 -1.42
C THR B 90 -36.71 -22.37 -2.84
N TYR B 91 -35.60 -22.12 -3.53
CA TYR B 91 -35.63 -21.68 -4.92
C TYR B 91 -35.05 -22.78 -5.79
N THR B 92 -35.85 -23.26 -6.74
CA THR B 92 -35.39 -24.31 -7.63
C THR B 92 -35.22 -23.76 -9.03
N PHE B 93 -34.04 -23.97 -9.61
CA PHE B 93 -33.72 -23.46 -10.93
C PHE B 93 -33.52 -24.57 -11.94
N TYR B 94 -34.13 -24.41 -13.11
CA TYR B 94 -34.07 -25.41 -14.16
C TYR B 94 -33.18 -24.87 -15.28
N LEU B 95 -32.08 -25.56 -15.52
CA LEU B 95 -30.97 -24.97 -16.25
C LEU B 95 -31.05 -25.21 -17.76
N ARG B 96 -30.76 -24.16 -18.52
CA ARG B 96 -30.74 -24.20 -19.98
C ARG B 96 -29.79 -25.29 -20.47
N LYS B 97 -30.20 -26.05 -21.49
CA LYS B 97 -29.34 -27.07 -22.05
C LYS B 97 -28.62 -26.55 -23.28
N GLY B 98 -27.57 -27.25 -23.70
CA GLY B 98 -26.85 -26.89 -24.91
C GLY B 98 -25.94 -25.66 -24.81
N VAL B 99 -25.73 -25.17 -23.58
CA VAL B 99 -24.95 -23.96 -23.39
C VAL B 99 -23.45 -24.26 -23.33
N LYS B 100 -22.72 -23.77 -24.34
CA LYS B 100 -21.30 -24.08 -24.49
C LYS B 100 -20.43 -23.21 -23.58
N TRP B 101 -19.33 -23.78 -23.09
CA TRP B 101 -18.29 -23.00 -22.39
C TRP B 101 -17.24 -22.51 -23.37
N GLN B 102 -16.61 -21.41 -23.02
CA GLN B 102 -15.48 -20.91 -23.79
C GLN B 102 -14.29 -21.85 -23.64
N ASP B 103 -13.30 -21.71 -24.52
CA ASP B 103 -12.07 -22.49 -24.45
C ASP B 103 -10.87 -21.56 -24.57
N ASN B 104 -9.72 -22.00 -24.09
CA ASN B 104 -8.48 -21.25 -24.28
C ASN B 104 -7.28 -22.19 -24.43
N LYS B 105 -6.07 -21.65 -24.30
CA LYS B 105 -4.87 -22.46 -24.47
C LYS B 105 -4.72 -23.54 -23.40
N ASP B 106 -5.39 -23.37 -22.27
CA ASP B 106 -5.25 -24.30 -21.16
C ASP B 106 -6.48 -25.17 -20.92
N PHE B 107 -7.50 -25.04 -21.77
CA PHE B 107 -8.78 -25.67 -21.47
C PHE B 107 -9.70 -25.80 -22.69
N LYS B 108 -10.10 -27.04 -22.97
CA LYS B 108 -11.17 -27.28 -23.93
C LYS B 108 -12.22 -28.12 -23.22
N PRO B 109 -13.45 -27.58 -23.13
CA PRO B 109 -14.52 -28.24 -22.37
C PRO B 109 -15.01 -29.50 -23.07
N THR B 110 -15.34 -30.50 -22.26
CA THR B 110 -15.82 -31.78 -22.76
C THR B 110 -17.33 -31.93 -22.52
N ARG B 111 -17.93 -30.92 -21.91
CA ARG B 111 -19.38 -30.95 -21.66
C ARG B 111 -19.97 -29.55 -21.67
N ASP B 112 -21.28 -29.46 -21.86
CA ASP B 112 -21.99 -28.19 -21.79
C ASP B 112 -22.16 -27.75 -20.33
N PHE B 113 -22.52 -26.48 -20.15
CA PHE B 113 -22.90 -25.94 -18.85
C PHE B 113 -23.92 -26.84 -18.17
N ASN B 114 -23.70 -27.13 -16.89
CA ASN B 114 -24.70 -27.85 -16.09
C ASN B 114 -24.56 -27.55 -14.59
N ALA B 115 -25.22 -28.34 -13.76
CA ALA B 115 -25.36 -28.02 -12.34
C ALA B 115 -24.04 -27.98 -11.57
N ASP B 116 -23.06 -28.80 -11.94
CA ASP B 116 -21.75 -28.74 -11.29
C ASP B 116 -21.15 -27.33 -11.32
N ASP B 117 -21.38 -26.61 -12.41
CA ASP B 117 -20.84 -25.27 -12.56
C ASP B 117 -21.46 -24.33 -11.52
N VAL B 118 -22.78 -24.43 -11.35
CA VAL B 118 -23.46 -23.63 -10.33
C VAL B 118 -23.05 -24.01 -8.91
N ILE B 119 -23.00 -25.31 -8.64
CA ILE B 119 -22.56 -25.78 -7.31
C ILE B 119 -21.14 -25.27 -7.04
N TYR B 120 -20.24 -25.43 -8.00
CA TYR B 120 -18.89 -24.93 -7.81
C TYR B 120 -18.85 -23.44 -7.54
N SER B 121 -19.64 -22.69 -8.31
CA SER B 121 -19.57 -21.23 -8.27
C SER B 121 -19.96 -20.69 -6.89
N PHE B 122 -20.98 -21.29 -6.27
CA PHE B 122 -21.41 -20.79 -4.99
C PHE B 122 -20.64 -21.43 -3.83
N MSE B 123 -20.32 -22.71 -3.94
N MSE B 123 -20.33 -22.72 -3.95
CA MSE B 123 -19.64 -23.38 -2.84
CA MSE B 123 -19.62 -23.40 -2.87
C MSE B 123 -18.20 -22.86 -2.68
C MSE B 123 -18.21 -22.84 -2.68
O MSE B 123 -17.67 -22.86 -1.56
O MSE B 123 -17.71 -22.80 -1.56
CB MSE B 123 -19.66 -24.91 -3.02
CB MSE B 123 -19.57 -24.90 -3.12
CG MSE B 123 -20.60 -25.60 -2.02
CG MSE B 123 -20.90 -25.59 -2.84
SE MSE B 123 -20.85 -27.52 -2.33
SE MSE B 123 -21.12 -26.19 -0.99
CE MSE B 123 -19.05 -27.89 -3.02
CE MSE B 123 -21.21 -24.50 -0.04
N ARG B 124 -17.59 -22.42 -3.76
CA ARG B 124 -16.28 -21.77 -3.69
C ARG B 124 -16.32 -20.61 -2.69
N GLN B 125 -17.40 -19.82 -2.75
CA GLN B 125 -17.54 -18.65 -1.88
C GLN B 125 -17.99 -19.05 -0.47
N LYS B 126 -18.92 -20.01 -0.38
CA LYS B 126 -19.54 -20.39 0.89
C LYS B 126 -18.72 -21.35 1.76
N ASP B 127 -18.12 -22.36 1.14
CA ASP B 127 -17.52 -23.50 1.86
C ASP B 127 -16.01 -23.36 2.05
N ASP B 128 -15.57 -23.19 3.30
CA ASP B 128 -14.14 -23.03 3.58
C ASP B 128 -13.36 -24.35 3.40
N LYS B 129 -14.07 -25.43 3.11
CA LYS B 129 -13.43 -26.71 2.79
C LYS B 129 -13.24 -26.88 1.29
N ASN B 130 -13.80 -25.97 0.50
CA ASN B 130 -13.63 -26.02 -0.94
C ASN B 130 -12.19 -25.62 -1.30
N PRO B 131 -11.54 -26.40 -2.18
CA PRO B 131 -10.14 -26.12 -2.53
C PRO B 131 -9.92 -24.72 -3.11
N TYR B 132 -10.94 -24.13 -3.70
CA TYR B 132 -10.79 -22.80 -4.33
C TYR B 132 -11.12 -21.65 -3.41
N HIS B 133 -11.50 -21.97 -2.17
CA HIS B 133 -12.01 -20.95 -1.27
C HIS B 133 -11.01 -19.86 -0.99
N LYS B 134 -9.76 -20.24 -0.74
CA LYS B 134 -8.75 -19.25 -0.41
C LYS B 134 -7.92 -18.85 -1.63
N VAL B 135 -8.28 -19.38 -2.79
CA VAL B 135 -7.54 -19.04 -3.99
C VAL B 135 -7.78 -17.55 -4.32
N SER B 136 -6.69 -16.88 -4.67
CA SER B 136 -6.67 -15.43 -4.91
C SER B 136 -7.01 -14.63 -3.65
N GLY B 137 -6.90 -15.25 -2.48
CA GLY B 137 -7.16 -14.56 -1.24
C GLY B 137 -8.60 -14.72 -0.76
N GLY B 138 -9.48 -15.19 -1.63
CA GLY B 138 -10.86 -15.46 -1.26
C GLY B 138 -11.63 -14.30 -0.67
N SER B 139 -11.47 -13.11 -1.23
N SER B 139 -11.47 -13.12 -1.26
CA SER B 139 -12.24 -11.97 -0.75
CA SER B 139 -12.23 -11.94 -0.83
C SER B 139 -13.57 -11.87 -1.50
C SER B 139 -13.58 -11.87 -1.53
N TYR B 140 -14.49 -12.75 -1.12
CA TYR B 140 -15.83 -12.76 -1.69
C TYR B 140 -16.62 -11.68 -0.98
N GLU B 141 -16.32 -10.43 -1.33
CA GLU B 141 -16.82 -9.29 -0.60
C GLU B 141 -18.36 -9.18 -0.63
N TYR B 142 -18.96 -9.33 -1.81
CA TYR B 142 -20.41 -9.33 -1.88
C TYR B 142 -21.05 -10.50 -1.13
N PHE B 143 -20.57 -11.72 -1.39
CA PHE B 143 -21.12 -12.90 -0.70
C PHE B 143 -21.08 -12.75 0.84
N GLN B 144 -19.93 -12.36 1.36
CA GLN B 144 -19.76 -12.16 2.80
C GLN B 144 -20.58 -10.99 3.36
N GLY B 145 -20.54 -9.86 2.66
CA GLY B 145 -21.17 -8.64 3.11
C GLY B 145 -22.69 -8.68 3.04
N MSE B 146 -23.23 -9.55 2.19
CA MSE B 146 -24.68 -9.73 2.11
C MSE B 146 -25.16 -10.83 3.03
O MSE B 146 -26.37 -11.08 3.13
CB MSE B 146 -25.09 -10.03 0.68
CG MSE B 146 -24.73 -8.92 -0.29
SE MSE B 146 -25.00 -9.40 -2.16
CE MSE B 146 -26.24 -7.86 -2.40
N GLY B 147 -24.21 -11.50 3.69
CA GLY B 147 -24.54 -12.57 4.61
C GLY B 147 -25.15 -13.77 3.91
N MSE B 148 -24.72 -14.00 2.68
CA MSE B 148 -25.23 -15.10 1.87
C MSE B 148 -24.95 -16.45 2.52
O MSE B 148 -25.73 -17.39 2.34
CB MSE B 148 -24.61 -15.04 0.46
CG MSE B 148 -25.15 -13.91 -0.41
SE MSE B 148 -27.08 -14.05 -0.85
CE MSE B 148 -27.85 -13.00 0.60
N GLY B 149 -23.87 -16.55 3.28
CA GLY B 149 -23.52 -17.80 3.95
C GLY B 149 -24.46 -18.14 5.08
N ASP B 150 -25.02 -17.12 5.73
CA ASP B 150 -25.99 -17.34 6.79
C ASP B 150 -27.35 -17.65 6.18
N LEU B 151 -27.64 -17.05 5.03
CA LEU B 151 -28.93 -17.25 4.37
C LEU B 151 -29.03 -18.60 3.65
N ILE B 152 -28.02 -18.94 2.86
CA ILE B 152 -28.04 -20.18 2.09
C ILE B 152 -27.50 -21.38 2.89
N THR B 153 -28.39 -22.30 3.22
CA THR B 153 -28.01 -23.49 3.96
C THR B 153 -27.30 -24.49 3.07
N ASN B 154 -27.92 -24.80 1.93
CA ASN B 154 -27.39 -25.76 0.96
C ASN B 154 -27.63 -25.28 -0.47
N VAL B 155 -26.66 -25.52 -1.34
CA VAL B 155 -26.90 -25.48 -2.77
C VAL B 155 -26.84 -26.92 -3.23
N VAL B 156 -27.97 -27.42 -3.72
CA VAL B 156 -28.19 -28.85 -3.94
C VAL B 156 -28.28 -29.24 -5.41
N LYS B 157 -27.37 -30.11 -5.83
CA LYS B 157 -27.46 -30.71 -7.16
C LYS B 157 -28.53 -31.79 -7.16
N VAL B 158 -29.70 -31.43 -7.66
CA VAL B 158 -30.80 -32.37 -7.81
C VAL B 158 -30.49 -33.37 -8.94
N ASP B 159 -30.12 -32.83 -10.10
CA ASP B 159 -29.50 -33.59 -11.18
C ASP B 159 -28.65 -32.65 -12.04
N ASP B 160 -28.33 -33.04 -13.27
CA ASP B 160 -27.42 -32.24 -14.09
C ASP B 160 -28.03 -30.91 -14.57
N ASN B 161 -29.35 -30.85 -14.69
CA ASN B 161 -30.00 -29.65 -15.20
C ASN B 161 -30.90 -28.93 -14.20
N THR B 162 -30.76 -29.27 -12.92
CA THR B 162 -31.61 -28.69 -11.88
C THR B 162 -30.87 -28.45 -10.57
N VAL B 163 -30.93 -27.21 -10.08
CA VAL B 163 -30.27 -26.85 -8.83
C VAL B 163 -31.29 -26.25 -7.87
N ARG B 164 -31.13 -26.55 -6.57
CA ARG B 164 -32.04 -26.03 -5.57
C ARG B 164 -31.26 -25.28 -4.49
N PHE B 165 -31.70 -24.06 -4.20
CA PHE B 165 -31.16 -23.21 -3.12
C PHE B 165 -32.07 -23.33 -1.91
N GLU B 166 -31.53 -23.82 -0.80
CA GLU B 166 -32.32 -23.95 0.41
C GLU B 166 -31.87 -22.90 1.42
N LEU B 167 -32.83 -22.06 1.83
CA LEU B 167 -32.54 -20.89 2.66
C LEU B 167 -33.08 -21.06 4.08
N THR B 168 -32.43 -20.38 5.03
CA THR B 168 -32.85 -20.41 6.42
C THR B 168 -34.12 -19.61 6.66
N ARG B 169 -34.46 -18.72 5.73
CA ARG B 169 -35.61 -17.85 5.87
C ARG B 169 -35.98 -17.27 4.52
N PRO B 170 -37.18 -16.72 4.38
CA PRO B 170 -37.49 -15.98 3.15
C PRO B 170 -36.60 -14.77 2.97
N GLU B 171 -36.34 -14.42 1.71
CA GLU B 171 -35.51 -13.26 1.37
C GLU B 171 -36.04 -12.59 0.10
N SER B 172 -36.74 -11.47 0.24
CA SER B 172 -37.36 -10.81 -0.91
C SER B 172 -36.41 -10.46 -2.06
N PRO B 173 -35.20 -9.96 -1.77
CA PRO B 173 -34.28 -9.69 -2.89
C PRO B 173 -33.50 -10.90 -3.42
N PHE B 174 -33.82 -12.12 -3.01
CA PHE B 174 -32.93 -13.24 -3.36
C PHE B 174 -32.82 -13.44 -4.85
N LEU B 175 -33.95 -13.52 -5.56
CA LEU B 175 -33.90 -13.66 -7.00
C LEU B 175 -33.07 -12.55 -7.64
N ALA B 176 -33.30 -11.31 -7.19
CA ALA B 176 -32.56 -10.15 -7.71
C ALA B 176 -31.06 -10.29 -7.42
N ASP B 177 -30.72 -10.80 -6.24
CA ASP B 177 -29.32 -11.06 -5.88
C ASP B 177 -28.63 -12.02 -6.85
N LEU B 178 -29.38 -13.00 -7.36
CA LEU B 178 -28.79 -14.01 -8.25
C LEU B 178 -28.55 -13.44 -9.65
N ALA B 179 -29.05 -12.23 -9.88
CA ALA B 179 -28.82 -11.51 -11.13
C ALA B 179 -27.58 -10.61 -11.05
N MSE B 180 -26.97 -10.51 -9.88
CA MSE B 180 -25.81 -9.64 -9.72
C MSE B 180 -24.48 -10.29 -10.15
O MSE B 180 -24.37 -11.53 -10.27
CB MSE B 180 -25.73 -9.14 -8.27
CG MSE B 180 -26.95 -8.31 -7.88
SE MSE B 180 -26.99 -7.91 -5.97
CE MSE B 180 -25.17 -7.33 -5.72
N ASP B 181 -23.48 -9.45 -10.40
CA ASP B 181 -22.20 -9.86 -10.99
C ASP B 181 -21.45 -10.92 -10.16
N PHE B 182 -21.52 -10.81 -8.83
CA PHE B 182 -20.84 -11.73 -7.94
C PHE B 182 -21.41 -13.14 -8.03
N ALA B 183 -22.62 -13.27 -8.60
CA ALA B 183 -23.27 -14.57 -8.76
C ALA B 183 -23.05 -15.16 -10.15
N SER B 184 -22.08 -14.60 -10.88
CA SER B 184 -21.68 -15.15 -12.17
C SER B 184 -21.24 -16.62 -12.06
N ILE B 185 -21.50 -17.40 -13.11
CA ILE B 185 -21.21 -18.83 -13.11
C ILE B 185 -19.83 -19.12 -13.70
N LEU B 186 -18.98 -19.78 -12.89
CA LEU B 186 -17.65 -20.18 -13.32
C LEU B 186 -17.64 -21.66 -13.74
N SER B 187 -16.61 -22.07 -14.48
CA SER B 187 -16.54 -23.43 -15.02
C SER B 187 -15.98 -24.44 -14.03
N ALA B 188 -16.80 -25.40 -13.62
CA ALA B 188 -16.33 -26.43 -12.70
C ALA B 188 -15.29 -27.36 -13.33
N GLU B 189 -15.44 -27.67 -14.62
CA GLU B 189 -14.44 -28.52 -15.28
C GLU B 189 -13.11 -27.78 -15.39
N TYR B 190 -13.16 -26.48 -15.72
CA TYR B 190 -11.94 -25.68 -15.83
C TYR B 190 -11.25 -25.64 -14.47
N ALA B 191 -12.02 -25.42 -13.42
CA ALA B 191 -11.48 -25.37 -12.06
C ALA B 191 -10.83 -26.68 -11.64
N ASP B 192 -11.50 -27.79 -11.90
CA ASP B 192 -10.96 -29.08 -11.49
C ASP B 192 -9.68 -29.36 -12.27
N ASN B 193 -9.71 -29.12 -13.58
CA ASN B 193 -8.54 -29.26 -14.43
C ASN B 193 -7.37 -28.42 -13.92
N MSE B 194 -7.63 -27.15 -13.63
CA MSE B 194 -6.57 -26.23 -13.21
C MSE B 194 -6.02 -26.61 -11.85
O MSE B 194 -4.83 -26.45 -11.59
CB MSE B 194 -7.08 -24.79 -13.21
CG MSE B 194 -7.28 -24.22 -14.60
SE MSE B 194 -5.65 -24.28 -15.68
CE MSE B 194 -6.03 -25.86 -16.75
N LEU B 195 -6.89 -27.15 -11.00
CA LEU B 195 -6.49 -27.65 -9.69
C LEU B 195 -5.62 -28.90 -9.81
N LYS B 196 -6.01 -29.82 -10.68
CA LYS B 196 -5.24 -31.03 -10.91
C LYS B 196 -3.88 -30.68 -11.51
N ALA B 197 -3.81 -29.56 -12.23
CA ALA B 197 -2.59 -29.13 -12.89
C ALA B 197 -1.70 -28.32 -11.95
N GLY B 198 -2.21 -28.05 -10.75
CA GLY B 198 -1.45 -27.32 -9.75
C GLY B 198 -1.38 -25.83 -10.01
N THR B 199 -2.28 -25.34 -10.85
CA THR B 199 -2.40 -23.92 -11.14
C THR B 199 -3.84 -23.40 -10.99
N PRO B 200 -4.43 -23.51 -9.79
CA PRO B 200 -5.81 -23.04 -9.62
C PRO B 200 -5.97 -21.55 -9.91
N GLU B 201 -4.93 -20.78 -9.62
CA GLU B 201 -5.01 -19.34 -9.80
C GLU B 201 -5.35 -18.93 -11.24
N LYS B 202 -5.12 -19.82 -12.21
CA LYS B 202 -5.45 -19.51 -13.60
C LYS B 202 -6.97 -19.33 -13.80
N VAL B 203 -7.78 -19.94 -12.95
CA VAL B 203 -9.21 -19.76 -13.07
C VAL B 203 -9.57 -18.28 -12.92
N ASP B 204 -8.86 -17.59 -12.04
CA ASP B 204 -9.16 -16.20 -11.75
C ASP B 204 -8.40 -15.23 -12.66
N LEU B 205 -7.30 -15.68 -13.23
CA LEU B 205 -6.47 -14.83 -14.08
C LEU B 205 -6.83 -14.92 -15.56
N ASN B 206 -7.20 -16.12 -15.99
CA ASN B 206 -7.46 -16.41 -17.39
C ASN B 206 -8.91 -16.83 -17.58
N PRO B 207 -9.83 -15.86 -17.68
CA PRO B 207 -11.25 -16.16 -17.49
C PRO B 207 -11.86 -17.06 -18.57
N ILE B 208 -12.75 -17.94 -18.12
CA ILE B 208 -13.54 -18.82 -18.97
C ILE B 208 -15.02 -18.65 -18.62
N GLY B 209 -15.81 -18.16 -19.57
CA GLY B 209 -17.21 -17.93 -19.32
C GLY B 209 -18.13 -18.55 -20.35
N THR B 210 -19.42 -18.30 -20.21
CA THR B 210 -20.40 -18.78 -21.18
C THR B 210 -20.90 -17.62 -22.04
N GLY B 211 -20.41 -16.42 -21.71
CA GLY B 211 -20.92 -15.18 -22.27
C GLY B 211 -20.53 -14.86 -23.71
N PRO B 212 -21.05 -13.72 -24.23
CA PRO B 212 -20.93 -13.30 -25.63
C PRO B 212 -19.51 -12.98 -26.07
N PHE B 213 -18.66 -12.56 -25.13
CA PHE B 213 -17.30 -12.14 -25.45
C PHE B 213 -16.26 -12.97 -24.72
N GLN B 214 -15.11 -13.16 -25.36
CA GLN B 214 -14.03 -13.94 -24.81
C GLN B 214 -12.78 -13.07 -24.71
N LEU B 215 -12.07 -13.16 -23.59
CA LEU B 215 -10.88 -12.33 -23.41
C LEU B 215 -9.76 -12.79 -24.34
N GLN B 216 -9.20 -11.85 -25.10
CA GLN B 216 -8.17 -12.21 -26.07
C GLN B 216 -6.79 -11.78 -25.60
N GLN B 217 -6.67 -10.53 -25.12
CA GLN B 217 -5.46 -10.16 -24.40
C GLN B 217 -5.65 -8.94 -23.51
N TYR B 218 -4.81 -8.82 -22.50
CA TYR B 218 -4.89 -7.70 -21.59
C TYR B 218 -3.50 -7.11 -21.39
N GLN B 219 -3.34 -5.85 -21.79
CA GLN B 219 -2.10 -5.12 -21.52
C GLN B 219 -2.39 -4.17 -20.39
N LYS B 220 -1.83 -4.46 -19.23
CA LYS B 220 -2.21 -3.78 -17.99
C LYS B 220 -2.13 -2.27 -18.11
N ASP B 221 -3.18 -1.60 -17.63
CA ASP B 221 -3.24 -0.14 -17.56
C ASP B 221 -3.22 0.50 -18.95
N SER B 222 -3.37 -0.31 -19.98
CA SER B 222 -3.32 0.20 -21.34
C SER B 222 -4.54 -0.17 -22.15
N ARG B 223 -4.81 -1.46 -22.30
CA ARG B 223 -5.96 -1.87 -23.08
C ARG B 223 -6.38 -3.33 -22.91
N ILE B 224 -7.67 -3.57 -23.15
CA ILE B 224 -8.22 -4.91 -23.11
C ILE B 224 -8.79 -5.24 -24.48
N LEU B 225 -8.63 -6.48 -24.91
CA LEU B 225 -9.13 -6.89 -26.20
C LEU B 225 -9.98 -8.14 -26.03
N TYR B 226 -11.22 -8.08 -26.50
CA TYR B 226 -12.11 -9.24 -26.50
C TYR B 226 -12.49 -9.62 -27.93
N LYS B 227 -12.83 -10.89 -28.11
CA LYS B 227 -13.45 -11.31 -29.37
C LYS B 227 -14.81 -11.93 -29.05
N ALA B 228 -15.74 -11.86 -30.00
CA ALA B 228 -17.02 -12.51 -29.80
C ALA B 228 -16.80 -14.02 -29.73
N PHE B 229 -17.50 -14.68 -28.83
CA PHE B 229 -17.41 -16.14 -28.68
C PHE B 229 -18.38 -16.83 -29.66
N PRO B 230 -17.84 -17.51 -30.69
CA PRO B 230 -18.72 -18.12 -31.72
C PRO B 230 -19.73 -19.11 -31.17
N GLY B 231 -19.40 -19.79 -30.07
CA GLY B 231 -20.29 -20.79 -29.49
C GLY B 231 -21.28 -20.26 -28.48
N PHE B 232 -21.35 -18.94 -28.30
CA PHE B 232 -22.31 -18.29 -27.40
C PHE B 232 -23.74 -18.82 -27.57
N TRP B 233 -24.42 -19.05 -26.45
CA TRP B 233 -25.74 -19.65 -26.49
C TRP B 233 -26.83 -18.64 -26.86
N GLY B 234 -26.63 -17.38 -26.50
CA GLY B 234 -27.68 -16.38 -26.68
C GLY B 234 -27.61 -15.68 -28.02
N THR B 235 -28.24 -14.52 -28.12
CA THR B 235 -28.18 -13.73 -29.34
C THR B 235 -26.77 -13.22 -29.57
N LYS B 236 -26.25 -13.42 -30.77
CA LYS B 236 -24.90 -12.98 -31.05
C LYS B 236 -24.81 -11.46 -31.06
N PRO B 237 -23.63 -10.94 -30.68
CA PRO B 237 -23.38 -9.50 -30.75
C PRO B 237 -23.21 -9.03 -32.19
N LYS B 238 -23.43 -7.75 -32.43
CA LYS B 238 -23.25 -7.20 -33.77
C LYS B 238 -21.78 -6.83 -34.00
N ILE B 239 -20.96 -6.83 -32.94
CA ILE B 239 -19.54 -6.56 -33.12
C ILE B 239 -18.66 -7.81 -32.91
N ASP B 240 -17.61 -7.90 -33.71
CA ASP B 240 -16.64 -8.99 -33.69
C ASP B 240 -15.56 -8.82 -32.62
N ARG B 241 -15.21 -7.56 -32.38
CA ARG B 241 -14.03 -7.20 -31.61
C ARG B 241 -14.37 -6.05 -30.67
N LEU B 242 -14.07 -6.24 -29.40
CA LEU B 242 -14.37 -5.23 -28.40
C LEU B 242 -13.08 -4.81 -27.74
N VAL B 243 -12.78 -3.52 -27.80
CA VAL B 243 -11.55 -3.01 -27.20
C VAL B 243 -11.84 -1.98 -26.11
N PHE B 244 -11.21 -2.16 -24.95
CA PHE B 244 -11.23 -1.13 -23.91
C PHE B 244 -9.92 -0.38 -24.00
N SER B 245 -9.98 0.91 -24.32
CA SER B 245 -8.81 1.77 -24.23
C SER B 245 -8.84 2.39 -22.85
N ILE B 246 -7.96 1.93 -21.96
CA ILE B 246 -7.96 2.43 -20.59
C ILE B 246 -7.46 3.88 -20.57
N THR B 247 -8.34 4.79 -20.22
CA THR B 247 -8.10 6.23 -20.39
C THR B 247 -8.63 7.01 -19.17
N PRO B 248 -7.82 7.14 -18.10
CA PRO B 248 -8.32 7.66 -16.81
C PRO B 248 -8.64 9.15 -16.80
N ASP B 249 -8.07 9.94 -17.72
CA ASP B 249 -8.35 11.37 -17.76
C ASP B 249 -9.63 11.63 -18.58
N ALA B 250 -10.64 12.21 -17.94
CA ALA B 250 -11.94 12.41 -18.59
C ALA B 250 -11.87 13.34 -19.80
N SER B 251 -10.94 14.29 -19.78
CA SER B 251 -10.78 15.20 -20.91
C SER B 251 -10.18 14.47 -22.11
N VAL B 252 -9.25 13.57 -21.83
CA VAL B 252 -8.65 12.75 -22.87
C VAL B 252 -9.72 11.81 -23.44
N ARG B 253 -10.61 11.30 -22.60
CA ARG B 253 -11.67 10.43 -23.10
C ARG B 253 -12.52 11.20 -24.12
N TYR B 254 -12.83 12.46 -23.78
CA TYR B 254 -13.64 13.31 -24.65
C TYR B 254 -12.92 13.57 -25.97
N ALA B 255 -11.63 13.85 -25.87
CA ALA B 255 -10.80 14.10 -27.04
C ALA B 255 -10.77 12.88 -27.98
N LYS B 256 -10.72 11.69 -27.39
CA LYS B 256 -10.69 10.46 -28.17
C LYS B 256 -12.04 10.20 -28.83
N LEU B 257 -13.13 10.53 -28.13
CA LEU B 257 -14.47 10.43 -28.71
C LEU B 257 -14.61 11.34 -29.93
N GLN B 258 -14.19 12.60 -29.76
CA GLN B 258 -14.24 13.58 -30.84
C GLN B 258 -13.45 13.10 -32.05
N LYS B 259 -12.31 12.46 -31.80
CA LYS B 259 -11.47 11.95 -32.88
C LYS B 259 -11.87 10.56 -33.36
N ASN B 260 -12.94 10.01 -32.79
CA ASN B 260 -13.45 8.68 -33.12
C ASN B 260 -12.45 7.56 -32.85
N GLU B 261 -11.58 7.78 -31.87
CA GLU B 261 -10.65 6.76 -31.42
C GLU B 261 -11.35 5.79 -30.47
N CYS B 262 -12.42 6.25 -29.83
CA CYS B 262 -13.35 5.36 -29.15
C CYS B 262 -14.75 5.89 -29.41
N GLN B 263 -15.77 5.07 -29.22
CA GLN B 263 -17.13 5.46 -29.58
C GLN B 263 -18.07 5.62 -28.37
N ILE B 264 -17.62 5.19 -27.21
CA ILE B 264 -18.39 5.26 -25.96
C ILE B 264 -17.44 5.58 -24.81
N MSE B 265 -17.90 6.41 -23.87
CA MSE B 265 -17.10 6.72 -22.68
C MSE B 265 -18.01 6.95 -21.50
O MSE B 265 -19.15 7.35 -21.68
CB MSE B 265 -16.23 7.96 -22.91
CG MSE B 265 -17.06 9.21 -23.22
SE MSE B 265 -16.05 10.90 -23.20
CE MSE B 265 -15.99 11.21 -21.27
N PRO B 266 -17.50 6.72 -20.27
CA PRO B 266 -18.23 7.04 -19.05
C PRO B 266 -17.70 8.31 -18.38
N TYR B 267 -18.52 8.88 -17.49
CA TYR B 267 -18.11 9.90 -16.51
C TYR B 267 -17.43 11.12 -17.14
N PRO B 268 -18.15 11.85 -18.00
CA PRO B 268 -17.52 13.05 -18.58
C PRO B 268 -17.30 14.10 -17.51
N ASN B 269 -16.34 15.01 -17.72
N ASN B 269 -16.33 15.01 -17.69
CA ASN B 269 -16.19 16.17 -16.87
CA ASN B 269 -16.16 16.11 -16.75
C ASN B 269 -17.50 16.93 -16.89
C ASN B 269 -17.39 16.98 -16.86
N PRO B 270 -18.03 17.32 -15.71
CA PRO B 270 -19.22 18.17 -15.69
C PRO B 270 -18.99 19.45 -16.48
N ALA B 271 -17.77 19.97 -16.46
CA ALA B 271 -17.42 21.16 -17.25
C ALA B 271 -17.52 20.91 -18.76
N ASP B 272 -17.47 19.64 -19.17
CA ASP B 272 -17.53 19.33 -20.61
C ASP B 272 -18.94 19.12 -21.15
N ILE B 273 -19.92 19.00 -20.25
CA ILE B 273 -21.28 18.65 -20.67
C ILE B 273 -21.89 19.66 -21.63
N ALA B 274 -21.73 20.94 -21.31
CA ALA B 274 -22.29 22.00 -22.15
C ALA B 274 -21.81 21.92 -23.60
N ARG B 275 -20.49 21.80 -23.79
CA ARG B 275 -19.96 21.66 -25.15
C ARG B 275 -20.46 20.37 -25.79
N MSE B 276 -20.44 19.29 -25.02
CA MSE B 276 -20.94 18.00 -25.51
C MSE B 276 -22.37 18.08 -26.06
O MSE B 276 -22.67 17.43 -27.07
CB MSE B 276 -20.88 16.96 -24.39
CG MSE B 276 -19.49 16.41 -24.17
SE MSE B 276 -19.49 15.23 -22.64
CE MSE B 276 -17.65 14.64 -22.81
N LYS B 277 -23.23 18.87 -25.41
CA LYS B 277 -24.61 19.04 -25.85
C LYS B 277 -24.73 19.79 -27.17
N GLU B 278 -23.71 20.57 -27.50
CA GLU B 278 -23.71 21.29 -28.78
C GLU B 278 -22.84 20.57 -29.80
N ASP B 279 -22.36 19.38 -29.43
CA ASP B 279 -21.47 18.57 -30.27
C ASP B 279 -22.26 17.63 -31.18
N LYS B 280 -22.25 17.91 -32.47
CA LYS B 280 -23.05 17.15 -33.41
C LYS B 280 -22.46 15.78 -33.70
N THR B 281 -21.27 15.50 -33.15
CA THR B 281 -20.66 14.21 -33.37
C THR B 281 -21.06 13.23 -32.25
N ILE B 282 -21.54 13.74 -31.12
CA ILE B 282 -21.94 12.84 -30.05
C ILE B 282 -23.42 12.90 -29.70
N ASN B 283 -23.90 11.77 -29.21
CA ASN B 283 -25.22 11.61 -28.65
C ASN B 283 -25.05 11.51 -27.14
N LEU B 284 -25.40 12.56 -26.41
CA LEU B 284 -25.20 12.58 -24.97
C LEU B 284 -26.41 11.98 -24.27
N MSE B 285 -26.30 10.71 -23.88
CA MSE B 285 -27.44 10.05 -23.27
C MSE B 285 -27.45 10.39 -21.79
O MSE B 285 -26.41 10.36 -21.15
CB MSE B 285 -27.38 8.55 -23.51
CG MSE B 285 -27.18 8.21 -24.99
SE MSE B 285 -27.54 6.34 -25.35
CE MSE B 285 -29.48 6.45 -25.43
N GLU B 286 -28.61 10.76 -21.27
CA GLU B 286 -28.69 11.01 -19.84
C GLU B 286 -29.92 10.39 -19.23
N GLN B 287 -29.82 10.19 -17.92
CA GLN B 287 -30.84 9.47 -17.22
C GLN B 287 -30.67 9.67 -15.72
N PRO B 288 -31.78 9.74 -14.99
CA PRO B 288 -31.72 9.91 -13.54
C PRO B 288 -30.88 8.80 -12.89
N GLY B 289 -30.08 9.13 -11.89
CA GLY B 289 -29.12 8.17 -11.36
C GLY B 289 -29.67 7.34 -10.21
N LEU B 290 -29.04 6.20 -9.99
CA LEU B 290 -29.31 5.33 -8.84
C LEU B 290 -28.00 5.21 -8.06
N ASN B 291 -27.41 6.35 -7.71
CA ASN B 291 -26.10 6.32 -7.06
C ASN B 291 -26.02 7.30 -5.89
N VAL B 292 -24.87 7.27 -5.20
CA VAL B 292 -24.60 8.13 -4.05
C VAL B 292 -23.09 8.25 -3.86
N GLY B 293 -22.64 9.43 -3.45
CA GLY B 293 -21.25 9.62 -3.07
C GLY B 293 -21.19 9.99 -1.59
N TYR B 294 -20.26 9.40 -0.85
CA TYR B 294 -20.14 9.74 0.56
C TYR B 294 -18.72 9.55 1.09
N LEU B 295 -18.49 10.02 2.32
CA LEU B 295 -17.21 9.84 3.00
C LEU B 295 -17.45 9.02 4.27
N SER B 296 -16.87 7.82 4.33
CA SER B 296 -17.08 6.94 5.47
C SER B 296 -16.14 7.28 6.61
N PHE B 297 -16.66 7.30 7.84
CA PHE B 297 -15.81 7.37 9.02
C PHE B 297 -15.56 5.96 9.57
N ASN B 298 -14.30 5.54 9.63
CA ASN B 298 -13.99 4.25 10.23
C ASN B 298 -14.14 4.34 11.75
N ILE B 299 -15.27 3.88 12.28
CA ILE B 299 -15.53 4.07 13.70
C ILE B 299 -14.66 3.16 14.57
N GLU B 300 -13.87 2.29 13.95
CA GLU B 300 -12.86 1.52 14.70
C GLU B 300 -11.62 2.37 15.03
N LYS B 301 -11.52 3.54 14.40
CA LYS B 301 -10.35 4.41 14.58
C LYS B 301 -10.68 5.60 15.49
N LYS B 302 -9.97 5.74 16.60
CA LYS B 302 -10.08 6.96 17.42
C LYS B 302 -9.71 8.18 16.58
N PRO B 303 -10.45 9.29 16.75
CA PRO B 303 -11.60 9.51 17.64
C PRO B 303 -12.95 9.42 16.90
N LEU B 304 -12.97 8.73 15.76
CA LEU B 304 -14.15 8.63 14.93
C LEU B 304 -15.23 7.77 15.57
N ASP B 305 -14.89 7.04 16.63
CA ASP B 305 -15.88 6.24 17.33
C ASP B 305 -16.83 7.11 18.16
N ASN B 306 -16.47 8.38 18.33
CA ASN B 306 -17.29 9.33 19.09
C ASN B 306 -18.32 9.99 18.18
N LEU B 307 -19.60 9.90 18.56
CA LEU B 307 -20.71 10.44 17.75
C LEU B 307 -20.57 11.94 17.50
N LYS B 308 -20.21 12.69 18.54
CA LYS B 308 -20.08 14.13 18.39
C LYS B 308 -18.93 14.47 17.43
N VAL B 309 -17.89 13.66 17.41
CA VAL B 309 -16.80 13.92 16.47
C VAL B 309 -17.27 13.75 15.02
N ARG B 310 -17.99 12.67 14.73
CA ARG B 310 -18.54 12.44 13.37
C ARG B 310 -19.55 13.53 12.99
N GLN B 311 -20.31 14.00 13.97
CA GLN B 311 -21.26 15.09 13.70
C GLN B 311 -20.51 16.40 13.40
N ALA B 312 -19.47 16.70 14.17
CA ALA B 312 -18.63 17.88 13.92
C ALA B 312 -18.00 17.85 12.52
N LEU B 313 -17.39 16.73 12.19
CA LEU B 313 -16.76 16.57 10.88
C LEU B 313 -17.78 16.74 9.76
N THR B 314 -18.99 16.24 9.98
CA THR B 314 -20.07 16.40 9.00
C THR B 314 -20.47 17.86 8.88
N MSE B 315 -20.72 18.52 10.02
CA MSE B 315 -21.22 19.89 10.00
C MSE B 315 -20.17 20.93 9.60
O MSE B 315 -20.51 22.06 9.25
CB MSE B 315 -21.79 20.26 11.38
CG MSE B 315 -23.04 19.47 11.78
SE MSE B 315 -23.59 19.92 13.61
CE MSE B 315 -22.15 21.13 13.96
N ALA B 316 -18.89 20.55 9.67
CA ALA B 316 -17.80 21.43 9.27
C ALA B 316 -17.68 21.60 7.76
N VAL B 317 -18.28 20.68 7.01
CA VAL B 317 -18.14 20.68 5.56
C VAL B 317 -19.19 21.50 4.81
N ASN B 318 -18.72 22.43 3.98
CA ASN B 318 -19.61 23.19 3.09
C ASN B 318 -20.02 22.31 1.91
N LYS B 319 -21.11 21.57 2.09
CA LYS B 319 -21.57 20.60 1.10
C LYS B 319 -21.99 21.28 -0.21
N ASP B 320 -22.74 22.37 -0.08
CA ASP B 320 -23.19 23.14 -1.24
C ASP B 320 -22.04 23.60 -2.13
N ALA B 321 -20.95 24.04 -1.51
CA ALA B 321 -19.78 24.47 -2.27
C ALA B 321 -19.20 23.29 -3.06
N ILE B 322 -19.24 22.10 -2.47
CA ILE B 322 -18.76 20.91 -3.16
C ILE B 322 -19.67 20.58 -4.35
N ILE B 323 -20.98 20.63 -4.14
CA ILE B 323 -21.91 20.41 -5.23
C ILE B 323 -21.67 21.39 -6.38
N ASP B 324 -21.54 22.67 -6.06
CA ASP B 324 -21.34 23.71 -7.06
C ASP B 324 -20.01 23.57 -7.81
N ALA B 325 -18.92 23.39 -7.05
CA ALA B 325 -17.57 23.40 -7.59
C ALA B 325 -17.13 22.09 -8.27
N VAL B 326 -17.55 20.96 -7.72
CA VAL B 326 -17.12 19.66 -8.26
C VAL B 326 -18.17 19.07 -9.18
N TYR B 327 -19.43 19.08 -8.74
CA TYR B 327 -20.49 18.44 -9.53
C TYR B 327 -21.02 19.35 -10.60
N GLN B 328 -21.04 20.65 -10.31
CA GLN B 328 -21.41 21.68 -11.28
C GLN B 328 -22.73 21.43 -11.97
N GLY B 329 -23.76 21.09 -11.21
CA GLY B 329 -25.06 20.91 -11.81
C GLY B 329 -25.35 19.48 -12.22
N ALA B 330 -24.34 18.62 -12.20
CA ALA B 330 -24.55 17.25 -12.62
C ALA B 330 -24.95 16.39 -11.43
N GLY B 331 -24.86 16.97 -10.25
CA GLY B 331 -25.24 16.28 -9.03
C GLY B 331 -26.02 17.17 -8.07
N GLN B 332 -26.65 16.55 -7.08
CA GLN B 332 -27.43 17.28 -6.09
C GLN B 332 -26.95 16.90 -4.69
N ALA B 333 -26.97 17.86 -3.76
CA ALA B 333 -26.69 17.58 -2.35
C ALA B 333 -27.53 16.40 -1.87
N ALA B 334 -26.92 15.52 -1.08
CA ALA B 334 -27.61 14.34 -0.58
C ALA B 334 -27.68 14.31 0.95
N LYS B 335 -28.83 13.92 1.50
CA LYS B 335 -28.96 13.70 2.94
C LYS B 335 -29.18 12.23 3.27
N ASN B 336 -29.68 11.45 2.31
CA ASN B 336 -29.94 10.03 2.52
C ASN B 336 -29.00 9.17 1.67
N LEU B 337 -28.71 7.96 2.15
CA LEU B 337 -27.88 7.02 1.41
C LEU B 337 -28.49 6.67 0.04
N ILE B 338 -29.79 6.40 0.02
CA ILE B 338 -30.44 6.11 -1.26
C ILE B 338 -30.92 7.40 -1.91
N PRO B 339 -30.83 7.47 -3.24
CA PRO B 339 -31.32 8.64 -3.99
C PRO B 339 -32.84 8.66 -4.03
N PRO B 340 -33.41 9.85 -4.29
CA PRO B 340 -34.86 9.95 -4.31
C PRO B 340 -35.48 9.18 -5.49
N THR B 341 -34.66 8.57 -6.35
CA THR B 341 -35.16 7.68 -7.40
C THR B 341 -35.40 6.26 -6.87
N MSE B 342 -35.01 6.01 -5.64
CA MSE B 342 -35.13 4.68 -5.04
C MSE B 342 -36.32 4.62 -4.09
O MSE B 342 -36.47 5.47 -3.21
CB MSE B 342 -33.83 4.33 -4.30
CG MSE B 342 -33.91 3.05 -3.43
SE MSE B 342 -34.29 1.38 -4.40
CE MSE B 342 -32.50 1.08 -5.15
N TRP B 343 -37.19 3.63 -4.27
CA TRP B 343 -38.30 3.49 -3.35
C TRP B 343 -37.81 3.29 -1.92
N GLY B 344 -38.62 3.74 -0.96
CA GLY B 344 -38.23 3.72 0.43
C GLY B 344 -37.58 5.02 0.89
N TYR B 345 -37.36 5.95 -0.05
CA TYR B 345 -36.69 7.23 0.26
C TYR B 345 -37.47 7.95 1.35
N ASN B 346 -36.78 8.41 2.39
CA ASN B 346 -37.44 9.11 3.50
C ASN B 346 -37.18 10.61 3.44
N ASP B 347 -38.11 11.35 2.87
CA ASP B 347 -37.84 12.76 2.67
C ASP B 347 -38.07 13.59 3.94
N ASP B 348 -38.49 12.93 5.02
CA ASP B 348 -38.66 13.61 6.31
C ASP B 348 -37.33 13.77 7.05
N VAL B 349 -36.31 13.06 6.61
CA VAL B 349 -34.98 13.22 7.19
C VAL B 349 -34.48 14.65 7.01
N LYS B 350 -33.93 15.25 8.06
CA LYS B 350 -33.36 16.59 7.91
C LYS B 350 -31.84 16.53 7.95
N ASP B 351 -31.21 17.20 7.00
CA ASP B 351 -29.76 17.12 6.87
C ASP B 351 -29.08 17.92 7.97
N TYR B 352 -27.85 17.52 8.30
CA TYR B 352 -27.00 18.29 9.17
C TYR B 352 -26.78 19.64 8.51
N ALA B 353 -26.74 20.70 9.30
CA ALA B 353 -26.45 22.03 8.77
C ALA B 353 -24.94 22.25 8.63
N TYR B 354 -24.56 23.08 7.66
CA TYR B 354 -23.20 23.56 7.56
C TYR B 354 -22.99 24.60 8.64
N ASP B 355 -22.18 24.28 9.65
CA ASP B 355 -21.98 25.18 10.78
C ASP B 355 -20.67 24.91 11.52
N PRO B 356 -19.58 25.55 11.07
CA PRO B 356 -18.25 25.35 11.65
C PRO B 356 -18.15 25.74 13.13
N ALA B 357 -18.80 26.84 13.52
CA ALA B 357 -18.79 27.24 14.94
C ALA B 357 -19.38 26.13 15.82
N LYS B 358 -20.51 25.56 15.40
CA LYS B 358 -21.12 24.48 16.16
C LYS B 358 -20.25 23.21 16.13
N ALA B 359 -19.62 22.95 14.97
CA ALA B 359 -18.67 21.85 14.86
C ALA B 359 -17.53 22.00 15.87
N LYS B 360 -16.96 23.21 15.94
CA LYS B 360 -15.88 23.49 16.87
C LYS B 360 -16.35 23.22 18.29
N GLU B 361 -17.60 23.57 18.58
CA GLU B 361 -18.15 23.37 19.91
C GLU B 361 -18.32 21.88 20.24
N LEU B 362 -18.78 21.10 19.27
CA LEU B 362 -18.91 19.66 19.45
C LEU B 362 -17.57 19.01 19.77
N LEU B 363 -16.49 19.49 19.16
CA LEU B 363 -15.18 18.90 19.40
C LEU B 363 -14.74 19.22 20.82
N LYS B 364 -14.95 20.46 21.22
CA LYS B 364 -14.68 20.87 22.59
C LYS B 364 -15.47 19.99 23.56
N GLU B 365 -16.76 19.76 23.26
CA GLU B 365 -17.59 18.94 24.13
C GLU B 365 -17.10 17.50 24.22
N ALA B 366 -16.51 17.01 23.13
CA ALA B 366 -15.99 15.66 23.08
C ALA B 366 -14.58 15.53 23.67
N GLY B 367 -14.11 16.56 24.34
CA GLY B 367 -12.78 16.53 24.95
C GLY B 367 -11.63 16.70 23.96
N LEU B 368 -11.91 17.30 22.82
CA LEU B 368 -10.86 17.55 21.82
C LEU B 368 -10.73 19.03 21.48
N PRO B 369 -10.40 19.87 22.46
CA PRO B 369 -10.40 21.31 22.22
C PRO B 369 -9.35 21.76 21.21
N ASP B 370 -8.30 20.97 21.01
CA ASP B 370 -7.25 21.33 20.05
C ASP B 370 -7.32 20.53 18.75
N GLY B 371 -8.46 19.89 18.50
CA GLY B 371 -8.64 19.10 17.29
C GLY B 371 -7.80 17.83 17.29
N PHE B 372 -7.46 17.35 16.10
CA PHE B 372 -6.72 16.12 15.94
C PHE B 372 -6.28 15.93 14.49
N SER B 373 -5.38 14.98 14.26
CA SER B 373 -4.97 14.62 12.89
C SER B 373 -5.68 13.35 12.42
N ILE B 374 -5.89 13.24 11.10
CA ILE B 374 -6.67 12.12 10.55
C ILE B 374 -6.37 12.02 9.05
N ASP B 375 -6.45 10.82 8.49
N ASP B 375 -6.44 10.83 8.47
CA ASP B 375 -6.17 10.61 7.06
CA ASP B 375 -6.19 10.79 7.05
C ASP B 375 -7.49 10.58 6.27
C ASP B 375 -7.53 10.85 6.33
N LEU B 376 -7.46 11.06 5.03
CA LEU B 376 -8.65 11.20 4.20
C LEU B 376 -8.28 10.59 2.86
N TRP B 377 -8.82 9.41 2.58
CA TRP B 377 -8.46 8.71 1.35
C TRP B 377 -9.34 9.20 0.20
N ALA B 378 -8.75 9.33 -0.99
CA ALA B 378 -9.48 9.82 -2.16
C ALA B 378 -9.07 9.01 -3.39
N MSE B 379 -10.04 8.46 -4.13
CA MSE B 379 -9.69 7.56 -5.24
C MSE B 379 -9.12 8.35 -6.41
O MSE B 379 -9.42 9.55 -6.58
CB MSE B 379 -10.92 6.73 -5.69
CG MSE B 379 -12.06 7.52 -6.34
SE MSE B 379 -13.34 8.15 -5.02
CE MSE B 379 -14.09 6.41 -4.50
N PRO B 380 -8.27 7.70 -7.22
CA PRO B 380 -7.62 8.43 -8.31
C PRO B 380 -8.37 8.37 -9.64
N VAL B 381 -9.53 7.71 -9.64
CA VAL B 381 -10.34 7.62 -10.86
C VAL B 381 -11.68 8.36 -10.68
N GLN B 382 -12.33 8.73 -11.78
CA GLN B 382 -13.67 9.29 -11.71
C GLN B 382 -14.66 8.15 -11.46
N ARG B 383 -15.73 8.44 -10.72
CA ARG B 383 -16.80 7.48 -10.41
C ARG B 383 -18.12 8.11 -10.88
N PRO B 384 -19.16 7.28 -11.11
CA PRO B 384 -20.47 7.88 -11.46
C PRO B 384 -20.94 8.86 -10.38
N TYR B 385 -20.49 8.65 -9.15
CA TYR B 385 -20.90 9.47 -8.00
C TYR B 385 -19.86 10.49 -7.55
N ASN B 386 -18.74 10.59 -8.26
CA ASN B 386 -17.67 11.51 -7.87
C ASN B 386 -16.75 11.79 -9.05
N PRO B 387 -16.90 12.98 -9.68
CA PRO B 387 -16.05 13.33 -10.83
C PRO B 387 -14.64 13.77 -10.43
N ASN B 388 -14.39 14.11 -9.17
CA ASN B 388 -13.05 14.57 -8.79
C ASN B 388 -12.81 14.45 -7.30
N ALA B 389 -12.52 13.24 -6.86
CA ALA B 389 -12.36 12.97 -5.43
C ALA B 389 -11.19 13.76 -4.86
N ARG B 390 -10.13 13.91 -5.66
N ARG B 390 -10.13 13.94 -5.64
CA ARG B 390 -8.95 14.65 -5.25
CA ARG B 390 -8.96 14.62 -5.09
C ARG B 390 -9.32 16.07 -4.84
C ARG B 390 -9.22 16.13 -4.88
N ARG B 391 -10.01 16.76 -5.73
CA ARG B 391 -10.37 18.15 -5.50
C ARG B 391 -11.34 18.27 -4.33
N MSE B 392 -12.33 17.38 -4.29
CA MSE B 392 -13.26 17.34 -3.17
C MSE B 392 -12.54 17.14 -1.83
O MSE B 392 -12.91 17.75 -0.82
CB MSE B 392 -14.27 16.22 -3.37
CG MSE B 392 -15.39 16.19 -2.33
SE MSE B 392 -16.64 14.74 -2.68
CE MSE B 392 -16.93 15.10 -4.57
N ALA B 393 -11.52 16.27 -1.82
CA ALA B 393 -10.75 16.04 -0.57
C ALA B 393 -10.02 17.30 -0.15
N GLU B 394 -9.52 18.06 -1.13
CA GLU B 394 -8.82 19.31 -0.82
C GLU B 394 -9.79 20.31 -0.16
N MSE B 395 -11.02 20.33 -0.65
CA MSE B 395 -12.05 21.19 -0.07
C MSE B 395 -12.44 20.78 1.36
O MSE B 395 -12.58 21.62 2.25
CB MSE B 395 -13.29 21.22 -0.96
CG MSE B 395 -12.98 21.79 -2.31
SE MSE B 395 -14.46 21.80 -3.56
CE MSE B 395 -15.63 23.08 -2.65
N ILE B 396 -12.62 19.47 1.56
CA ILE B 396 -12.97 18.97 2.88
C ILE B 396 -11.81 19.22 3.85
N GLN B 397 -10.59 19.02 3.35
CA GLN B 397 -9.39 19.29 4.13
C GLN B 397 -9.36 20.72 4.64
N SER B 398 -9.73 21.65 3.75
CA SER B 398 -9.77 23.07 4.10
C SER B 398 -10.86 23.37 5.15
N ASP B 399 -12.05 22.82 4.93
CA ASP B 399 -13.17 22.96 5.87
C ASP B 399 -12.79 22.43 7.25
N TRP B 400 -12.20 21.24 7.29
CA TRP B 400 -11.78 20.62 8.55
C TRP B 400 -10.69 21.42 9.28
N ALA B 401 -9.75 22.02 8.54
CA ALA B 401 -8.69 22.82 9.18
C ALA B 401 -9.28 23.97 9.97
N LYS B 402 -10.43 24.48 9.53
CA LYS B 402 -11.09 25.59 10.22
C LYS B 402 -11.53 25.23 11.64
N ILE B 403 -11.71 23.94 11.91
CA ILE B 403 -12.14 23.52 13.25
C ILE B 403 -11.01 22.77 13.96
N GLY B 404 -9.79 22.92 13.46
CA GLY B 404 -8.62 22.33 14.09
C GLY B 404 -8.35 20.87 13.71
N VAL B 405 -8.97 20.39 12.65
CA VAL B 405 -8.76 19.01 12.24
C VAL B 405 -7.84 18.98 11.02
N LYS B 406 -6.72 18.29 11.17
CA LYS B 406 -5.67 18.28 10.15
C LYS B 406 -5.71 17.00 9.32
N ALA B 407 -6.26 17.12 8.12
CA ALA B 407 -6.46 15.95 7.26
C ALA B 407 -5.28 15.72 6.34
N LYS B 408 -4.82 14.47 6.31
CA LYS B 408 -3.78 14.06 5.38
C LYS B 408 -4.44 13.35 4.21
N ILE B 409 -4.31 13.91 3.01
CA ILE B 409 -4.95 13.28 1.87
C ILE B 409 -4.08 12.13 1.37
N VAL B 410 -4.72 10.96 1.20
CA VAL B 410 -4.02 9.73 0.82
C VAL B 410 -4.69 9.16 -0.42
N THR B 411 -3.90 8.60 -1.34
CA THR B 411 -4.49 7.88 -2.46
C THR B 411 -3.71 6.62 -2.79
N TYR B 412 -4.35 5.74 -3.55
CA TYR B 412 -3.78 4.48 -4.03
C TYR B 412 -4.29 4.23 -5.42
N GLU B 413 -3.56 3.43 -6.18
CA GLU B 413 -4.12 2.78 -7.37
C GLU B 413 -5.52 2.20 -7.03
N TRP B 414 -6.47 2.29 -7.96
CA TRP B 414 -7.90 1.96 -7.71
C TRP B 414 -8.13 0.59 -7.06
N GLY B 415 -7.53 -0.46 -7.63
CA GLY B 415 -7.62 -1.81 -7.07
C GLY B 415 -7.15 -1.89 -5.61
N GLU B 416 -6.01 -1.29 -5.34
CA GLU B 416 -5.39 -1.33 -4.02
C GLU B 416 -6.16 -0.49 -3.02
N TYR B 417 -6.69 0.63 -3.51
CA TYR B 417 -7.54 1.52 -2.74
C TYR B 417 -8.72 0.73 -2.14
N LEU B 418 -9.44 -0.01 -3.00
CA LEU B 418 -10.59 -0.78 -2.56
C LEU B 418 -10.22 -1.96 -1.67
N LYS B 419 -9.10 -2.61 -1.98
CA LYS B 419 -8.62 -3.73 -1.19
C LYS B 419 -8.25 -3.33 0.23
N ARG B 420 -7.51 -2.23 0.40
CA ARG B 420 -7.09 -1.81 1.73
C ARG B 420 -8.25 -1.18 2.52
N ALA B 421 -9.18 -0.53 1.82
CA ALA B 421 -10.34 0.02 2.51
C ALA B 421 -11.26 -1.10 3.01
N LYS B 422 -11.48 -2.13 2.20
CA LYS B 422 -12.18 -3.33 2.65
C LYS B 422 -11.56 -3.89 3.93
N ASP B 423 -10.22 -3.84 4.02
N ASP B 423 -10.24 -3.85 4.02
CA ASP B 423 -9.46 -4.35 5.17
CA ASP B 423 -9.53 -4.38 5.18
C ASP B 423 -9.53 -3.36 6.34
C ASP B 423 -9.52 -3.36 6.33
N GLY B 424 -10.26 -2.26 6.18
CA GLY B 424 -10.40 -1.27 7.24
C GLY B 424 -9.13 -0.50 7.63
N GLU B 425 -8.23 -0.30 6.66
CA GLU B 425 -6.94 0.33 6.93
C GLU B 425 -7.01 1.85 6.99
N HIS B 426 -8.06 2.40 6.39
CA HIS B 426 -8.27 3.85 6.35
C HIS B 426 -8.75 4.38 7.70
N GLU B 427 -8.70 5.70 7.84
CA GLU B 427 -9.39 6.40 8.93
C GLU B 427 -10.67 7.06 8.36
N THR B 428 -10.54 7.91 7.35
CA THR B 428 -11.72 8.27 6.56
C THR B 428 -11.41 7.97 5.09
N VAL B 429 -12.45 7.63 4.32
CA VAL B 429 -12.31 7.21 2.94
C VAL B 429 -13.49 7.67 2.05
N MSE B 430 -13.14 8.27 0.92
CA MSE B 430 -14.13 8.66 -0.08
C MSE B 430 -14.68 7.39 -0.73
O MSE B 430 -13.91 6.53 -1.16
CB MSE B 430 -13.51 9.58 -1.14
CG MSE B 430 -14.47 10.57 -1.75
SE MSE B 430 -14.32 12.28 -0.85
CE MSE B 430 -12.46 12.61 -1.29
N MSE B 431 -15.99 7.29 -0.83
N MSE B 431 -16.00 7.27 -0.80
CA MSE B 431 -16.61 6.07 -1.36
CA MSE B 431 -16.65 6.04 -1.24
C MSE B 431 -17.93 6.40 -2.05
C MSE B 431 -17.97 6.37 -1.94
O MSE B 431 -18.35 7.57 -2.09
O MSE B 431 -18.44 7.52 -1.90
CB MSE B 431 -16.81 5.07 -0.22
CB MSE B 431 -16.87 5.11 -0.04
CG MSE B 431 -16.99 3.63 -0.65
CG MSE B 431 -17.26 3.67 -0.38
SE MSE B 431 -15.65 3.06 -1.92
SE MSE B 431 -17.67 2.52 1.17
CE MSE B 431 -14.06 3.37 -0.88
CE MSE B 431 -18.72 1.18 0.22
N GLY B 432 -18.58 5.39 -2.60
CA GLY B 432 -19.88 5.58 -3.23
C GLY B 432 -20.43 4.29 -3.79
N TRP B 433 -21.57 4.39 -4.46
CA TRP B 433 -22.32 3.21 -4.85
C TRP B 433 -23.25 3.52 -6.00
N THR B 434 -23.32 2.60 -6.96
CA THR B 434 -24.44 2.54 -7.89
C THR B 434 -25.18 1.24 -7.53
N GLY B 435 -26.49 1.32 -7.33
CA GLY B 435 -27.32 0.15 -7.00
C GLY B 435 -27.16 -1.00 -7.98
N ASP B 436 -27.13 -2.23 -7.47
CA ASP B 436 -26.89 -3.41 -8.29
C ASP B 436 -28.16 -4.16 -8.65
N ASN B 437 -29.26 -3.93 -7.94
CA ASN B 437 -30.41 -4.79 -8.15
C ASN B 437 -31.75 -4.08 -7.96
N GLY B 438 -31.72 -2.76 -7.74
CA GLY B 438 -32.92 -1.96 -7.59
C GLY B 438 -33.63 -2.11 -6.24
N ASP B 439 -33.00 -2.78 -5.30
CA ASP B 439 -33.58 -2.98 -3.97
C ASP B 439 -32.81 -2.16 -2.92
N PRO B 440 -33.53 -1.53 -1.97
CA PRO B 440 -32.89 -0.79 -0.87
C PRO B 440 -31.96 -1.67 -0.02
N ASP B 441 -32.20 -2.97 0.01
CA ASP B 441 -31.34 -3.87 0.78
C ASP B 441 -29.90 -3.77 0.30
N ASN B 442 -29.75 -3.61 -1.01
CA ASN B 442 -28.44 -3.56 -1.64
C ASN B 442 -27.68 -2.24 -1.38
N PHE B 443 -28.38 -1.23 -0.85
CA PHE B 443 -27.72 -0.06 -0.26
C PHE B 443 -27.52 -0.24 1.24
N PHE B 444 -28.61 -0.27 1.99
CA PHE B 444 -28.53 -0.23 3.46
C PHE B 444 -27.77 -1.40 4.10
N ALA B 445 -28.08 -2.64 3.69
CA ALA B 445 -27.43 -3.79 4.31
C ALA B 445 -26.05 -4.03 3.73
N THR B 446 -25.97 -4.04 2.40
CA THR B 446 -24.71 -4.33 1.73
C THR B 446 -23.63 -3.30 2.07
N LEU B 447 -24.03 -2.07 2.40
CA LEU B 447 -23.05 -1.03 2.71
C LEU B 447 -22.91 -0.69 4.20
N PHE B 448 -23.89 -1.07 5.03
CA PHE B 448 -23.85 -0.62 6.43
C PHE B 448 -24.33 -1.65 7.46
N SER B 449 -24.39 -2.92 7.07
CA SER B 449 -24.77 -3.97 8.02
C SER B 449 -23.53 -4.49 8.76
N CYS B 450 -23.77 -5.20 9.87
CA CYS B 450 -22.70 -5.81 10.64
C CYS B 450 -21.91 -6.81 9.80
N ASP B 451 -22.63 -7.60 8.99
CA ASP B 451 -21.96 -8.54 8.07
C ASP B 451 -20.97 -7.81 7.16
N ALA B 452 -21.41 -6.70 6.58
CA ALA B 452 -20.59 -5.92 5.66
C ALA B 452 -19.39 -5.26 6.38
N ALA B 453 -19.54 -5.01 7.68
CA ALA B 453 -18.44 -4.42 8.46
C ALA B 453 -17.35 -5.45 8.69
N LYS B 454 -17.77 -6.70 8.87
CA LYS B 454 -16.85 -7.77 9.19
C LYS B 454 -16.01 -8.14 7.99
N GLN B 455 -16.63 -8.17 6.82
CA GLN B 455 -15.93 -8.64 5.63
C GLN B 455 -16.18 -7.82 4.36
N GLY B 456 -17.31 -7.11 4.32
CA GLY B 456 -17.77 -6.51 3.08
C GLY B 456 -17.46 -5.05 2.82
N SER B 457 -18.45 -4.34 2.28
CA SER B 457 -18.27 -2.98 1.82
C SER B 457 -18.71 -1.93 2.84
N ASN B 458 -18.79 -2.31 4.10
CA ASN B 458 -19.11 -1.32 5.14
C ASN B 458 -17.80 -0.70 5.59
N TYR B 459 -17.39 0.37 4.93
CA TYR B 459 -16.06 0.94 5.25
C TYR B 459 -16.15 1.91 6.44
N SER B 460 -17.35 2.14 6.97
CA SER B 460 -17.49 2.84 8.25
C SER B 460 -17.26 1.87 9.41
N LYS B 461 -17.27 0.57 9.12
CA LYS B 461 -17.24 -0.48 10.14
C LYS B 461 -18.35 -0.30 11.19
N TRP B 462 -19.47 0.27 10.76
CA TRP B 462 -20.55 0.60 11.67
C TRP B 462 -21.44 -0.63 11.84
N CYS B 463 -21.56 -1.09 13.09
CA CYS B 463 -22.38 -2.23 13.42
C CYS B 463 -23.27 -1.79 14.58
N TYR B 464 -24.56 -1.61 14.30
CA TYR B 464 -25.44 -0.89 15.21
C TYR B 464 -26.78 -1.60 15.32
N LYS B 465 -27.08 -2.12 16.52
CA LYS B 465 -28.24 -2.99 16.71
C LYS B 465 -29.59 -2.37 16.28
N PRO B 466 -29.85 -1.09 16.61
CA PRO B 466 -31.12 -0.52 16.14
C PRO B 466 -31.25 -0.51 14.61
N PHE B 467 -30.13 -0.45 13.90
CA PHE B 467 -30.13 -0.46 12.44
C PHE B 467 -30.39 -1.86 11.94
N GLU B 468 -29.69 -2.85 12.51
CA GLU B 468 -29.91 -4.25 12.17
C GLU B 468 -31.37 -4.67 12.38
N ASP B 469 -31.95 -4.16 13.47
CA ASP B 469 -33.33 -4.47 13.85
C ASP B 469 -34.34 -3.98 12.80
N LEU B 470 -33.87 -3.18 11.85
CA LEU B 470 -34.72 -2.67 10.79
C LEU B 470 -34.41 -3.34 9.45
N ILE B 471 -33.13 -3.41 9.09
CA ILE B 471 -32.75 -3.91 7.77
C ILE B 471 -32.87 -5.43 7.68
N GLN B 472 -32.64 -6.15 8.77
CA GLN B 472 -32.79 -7.61 8.69
C GLN B 472 -34.26 -8.03 8.58
N PRO B 473 -35.16 -7.49 9.42
CA PRO B 473 -36.56 -7.86 9.13
C PRO B 473 -37.03 -7.40 7.75
N ALA B 474 -36.52 -6.27 7.29
CA ALA B 474 -36.95 -5.72 6.00
C ALA B 474 -36.68 -6.68 4.82
N ARG B 475 -35.63 -7.50 4.92
CA ARG B 475 -35.28 -8.42 3.82
C ARG B 475 -36.21 -9.62 3.75
N ALA B 476 -36.73 -10.01 4.91
CA ALA B 476 -37.56 -11.20 5.02
C ALA B 476 -39.00 -10.84 4.76
N GLU B 477 -39.33 -9.57 5.00
CA GLU B 477 -40.70 -9.07 4.84
C GLU B 477 -41.15 -9.13 3.38
N ALA B 478 -42.36 -9.62 3.16
CA ALA B 478 -42.92 -9.78 1.82
C ALA B 478 -43.84 -8.62 1.43
N ASP B 479 -44.51 -8.03 2.41
CA ASP B 479 -45.38 -6.87 2.17
C ASP B 479 -44.53 -5.65 1.85
N HIS B 480 -44.73 -5.10 0.65
CA HIS B 480 -43.95 -3.96 0.18
C HIS B 480 -44.04 -2.77 1.12
N ASP B 481 -45.27 -2.44 1.53
CA ASP B 481 -45.48 -1.27 2.37
C ASP B 481 -44.76 -1.40 3.72
N LYS B 482 -44.68 -2.61 4.24
CA LYS B 482 -43.96 -2.83 5.49
C LYS B 482 -42.45 -2.66 5.28
N ARG B 483 -41.95 -3.10 4.13
CA ARG B 483 -40.55 -2.90 3.79
C ARG B 483 -40.26 -1.40 3.68
N VAL B 484 -41.16 -0.67 3.04
CA VAL B 484 -41.00 0.77 2.86
C VAL B 484 -40.87 1.49 4.21
N ALA B 485 -41.72 1.11 5.17
CA ALA B 485 -41.70 1.68 6.52
C ALA B 485 -40.38 1.40 7.25
N LEU B 486 -39.86 0.19 7.10
CA LEU B 486 -38.63 -0.17 7.79
C LEU B 486 -37.44 0.59 7.20
N TYR B 487 -37.40 0.72 5.88
CA TYR B 487 -36.27 1.39 5.23
C TYR B 487 -36.30 2.89 5.48
N LYS B 488 -37.49 3.45 5.61
CA LYS B 488 -37.60 4.85 5.99
C LYS B 488 -37.02 5.09 7.38
N GLN B 489 -37.26 4.16 8.30
CA GLN B 489 -36.76 4.31 9.65
C GLN B 489 -35.24 4.09 9.70
N ALA B 490 -34.77 3.16 8.88
CA ALA B 490 -33.32 2.93 8.72
C ALA B 490 -32.60 4.23 8.36
N GLN B 491 -33.20 5.05 7.50
CA GLN B 491 -32.61 6.34 7.14
C GLN B 491 -32.55 7.30 8.33
N VAL B 492 -33.56 7.23 9.20
CA VAL B 492 -33.53 8.03 10.40
C VAL B 492 -32.38 7.61 11.31
N VAL B 493 -32.23 6.30 11.52
CA VAL B 493 -31.15 5.80 12.40
C VAL B 493 -29.75 6.17 11.88
N MSE B 494 -29.57 6.06 10.56
CA MSE B 494 -28.29 6.40 9.92
C MSE B 494 -27.97 7.88 10.10
O MSE B 494 -26.86 8.25 10.48
CB MSE B 494 -28.31 6.07 8.41
CG MSE B 494 -27.83 4.69 8.01
SE MSE B 494 -27.56 4.54 6.21
CE MSE B 494 -25.93 5.25 6.17
N ASN B 495 -28.96 8.73 9.83
CA ASN B 495 -28.80 10.17 9.97
C ASN B 495 -28.42 10.55 11.40
N GLU B 496 -29.06 9.91 12.37
CA GLU B 496 -28.77 10.17 13.77
C GLU B 496 -27.37 9.69 14.22
N GLN B 497 -26.87 8.63 13.60
CA GLN B 497 -25.57 8.08 14.06
C GLN B 497 -24.39 8.54 13.19
N ALA B 498 -24.68 9.21 12.08
CA ALA B 498 -23.65 9.76 11.19
C ALA B 498 -22.46 8.81 10.93
N PRO B 499 -22.72 7.56 10.51
CA PRO B 499 -21.54 6.73 10.27
C PRO B 499 -20.77 7.18 9.02
N ALA B 500 -21.39 8.01 8.21
CA ALA B 500 -20.78 8.50 6.98
C ALA B 500 -21.29 9.89 6.67
N LEU B 501 -20.43 10.72 6.08
CA LEU B 501 -20.90 11.99 5.60
C LEU B 501 -21.46 11.78 4.21
N ILE B 502 -22.78 11.92 4.09
CA ILE B 502 -23.46 11.70 2.81
C ILE B 502 -23.32 12.97 2.00
N ILE B 503 -22.84 12.86 0.77
CA ILE B 503 -22.49 14.05 0.00
C ILE B 503 -23.41 14.34 -1.18
N ALA B 504 -23.53 13.40 -2.12
CA ALA B 504 -24.23 13.71 -3.37
C ALA B 504 -24.96 12.52 -3.97
N HIS B 505 -26.00 12.82 -4.76
CA HIS B 505 -26.55 11.90 -5.76
C HIS B 505 -26.38 12.57 -7.12
N SER B 506 -25.89 11.85 -8.11
CA SER B 506 -25.69 12.51 -9.40
C SER B 506 -26.46 11.88 -10.55
N THR B 507 -26.73 12.71 -11.54
CA THR B 507 -27.34 12.27 -12.78
C THR B 507 -26.28 11.51 -13.59
N VAL B 508 -26.75 10.60 -14.43
CA VAL B 508 -25.86 9.79 -15.27
C VAL B 508 -25.78 10.36 -16.69
N TYR B 509 -24.57 10.65 -17.16
CA TYR B 509 -24.35 11.14 -18.52
C TYR B 509 -23.43 10.23 -19.29
N GLU B 510 -23.89 9.71 -20.41
CA GLU B 510 -23.06 8.81 -21.20
C GLU B 510 -22.89 9.31 -22.62
N PRO B 511 -21.74 9.96 -22.92
CA PRO B 511 -21.39 10.42 -24.26
C PRO B 511 -21.13 9.23 -25.14
N VAL B 512 -21.78 9.24 -26.29
CA VAL B 512 -21.71 8.15 -27.23
C VAL B 512 -21.70 8.77 -28.62
N ARG B 513 -20.86 8.26 -29.52
CA ARG B 513 -20.82 8.74 -30.89
C ARG B 513 -22.17 8.56 -31.58
N LYS B 514 -22.45 9.40 -32.57
CA LYS B 514 -23.74 9.36 -33.28
C LYS B 514 -23.95 8.06 -34.06
N GLU B 515 -22.86 7.38 -34.40
CA GLU B 515 -22.93 6.16 -35.20
C GLU B 515 -23.27 4.94 -34.36
N VAL B 516 -23.24 5.08 -33.04
CA VAL B 516 -23.57 3.96 -32.17
C VAL B 516 -25.08 3.76 -32.13
N LYS B 517 -25.52 2.55 -32.45
CA LYS B 517 -26.93 2.21 -32.37
C LYS B 517 -27.13 1.04 -31.40
N GLY B 518 -28.31 0.99 -30.80
CA GLY B 518 -28.65 -0.14 -29.94
C GLY B 518 -27.96 -0.10 -28.58
N TYR B 519 -27.40 1.04 -28.21
CA TYR B 519 -26.79 1.12 -26.87
C TYR B 519 -27.85 1.58 -25.87
N VAL B 520 -27.87 0.95 -24.70
CA VAL B 520 -28.84 1.29 -23.68
C VAL B 520 -28.13 1.53 -22.35
N VAL B 521 -28.41 2.70 -21.77
CA VAL B 521 -27.81 3.09 -20.50
C VAL B 521 -28.40 2.22 -19.38
N ASP B 522 -27.52 1.67 -18.58
CA ASP B 522 -27.88 0.80 -17.47
C ASP B 522 -27.98 1.57 -16.15
N PRO B 523 -29.20 1.65 -15.57
CA PRO B 523 -29.31 2.32 -14.28
C PRO B 523 -28.53 1.60 -13.18
N LEU B 524 -28.15 0.34 -13.43
CA LEU B 524 -27.33 -0.41 -12.47
C LEU B 524 -25.84 -0.15 -12.69
N GLY B 525 -25.54 0.72 -13.65
CA GLY B 525 -24.21 1.31 -13.73
C GLY B 525 -23.14 0.57 -14.52
N LYS B 526 -23.49 -0.51 -15.19
CA LYS B 526 -22.52 -1.18 -16.05
C LYS B 526 -22.68 -0.77 -17.50
N HIS B 527 -21.67 -1.06 -18.29
CA HIS B 527 -21.70 -0.72 -19.70
C HIS B 527 -21.73 -1.99 -20.53
N HIS B 528 -22.78 -2.12 -21.34
CA HIS B 528 -23.10 -3.36 -22.05
C HIS B 528 -22.95 -3.17 -23.56
N PHE B 529 -22.15 -4.01 -24.21
CA PHE B 529 -21.84 -3.78 -25.61
C PHE B 529 -22.30 -4.95 -26.47
N ASP B 530 -23.10 -5.85 -25.90
CA ASP B 530 -23.42 -7.10 -26.59
C ASP B 530 -24.59 -6.94 -27.57
N ASN B 531 -25.15 -5.74 -27.65
CA ASN B 531 -26.18 -5.48 -28.64
C ASN B 531 -25.94 -4.20 -29.43
N VAL B 532 -24.75 -3.63 -29.35
CA VAL B 532 -24.46 -2.40 -30.08
C VAL B 532 -24.01 -2.68 -31.52
N SER B 533 -24.33 -1.75 -32.42
CA SER B 533 -23.77 -1.74 -33.78
C SER B 533 -23.31 -0.33 -34.11
N LEU B 534 -22.54 -0.19 -35.19
CA LEU B 534 -22.05 1.11 -35.65
C LEU B 534 -22.51 1.41 -37.07
N ASP B 535 -22.96 2.64 -37.32
CA ASP B 535 -23.36 3.07 -38.66
C ASP B 535 -22.26 3.86 -39.36
C1 EDO C . 11.26 22.33 19.33
O1 EDO C . 12.65 22.53 19.59
C2 EDO C . 10.63 21.73 20.59
O2 EDO C . 9.26 21.36 20.34
C1 GOL D . 16.95 21.46 14.66
O1 GOL D . 16.53 21.93 13.40
C2 GOL D . 18.47 21.34 14.73
O2 GOL D . 18.93 21.77 16.00
C3 GOL D . 19.13 22.17 13.64
O3 GOL D . 19.16 21.41 12.45
C1 EDO E . 36.74 16.82 15.26
O1 EDO E . 37.72 17.86 15.22
C2 EDO E . 36.22 16.65 16.69
O2 EDO E . 35.96 15.26 16.91
C1 PEG F . 3.81 10.15 -0.05
O1 PEG F . 4.29 11.13 -0.98
C2 PEG F . 2.74 9.29 -0.69
O2 PEG F . 3.33 8.06 -1.11
C3 PEG F . 2.60 7.44 -2.17
C4 PEG F . 3.42 6.25 -2.66
O4 PEG F . 3.78 6.45 -4.04
C1 EDO G . 10.39 3.35 33.98
O1 EDO G . 9.77 2.07 34.17
C2 EDO G . 9.62 4.16 32.93
O2 EDO G . 9.32 5.48 33.40
CL CL H . 19.04 -2.34 25.52
C1 EDO I . 31.53 0.42 24.76
O1 EDO I . 32.14 -0.20 23.64
C2 EDO I . 30.05 0.06 24.78
O2 EDO I . 29.40 0.78 25.83
N GLN J . 20.91 2.57 8.62
CA GLN J . 20.00 2.25 7.53
C GLN J . 18.87 1.36 8.00
O GLN J . 19.02 0.62 8.97
CB GLN J . 20.75 1.56 6.39
CG GLN J . 21.95 0.79 6.88
CD GLN J . 21.85 -0.67 6.61
OE1 GLN J . 22.86 -1.34 6.41
NE2 GLN J . 20.62 -1.20 6.62
N GLN K . 17.77 1.38 7.27
CA GLN K . 16.58 0.61 7.62
C GLN K . 16.58 -0.75 6.92
O GLN K . 15.82 -1.65 7.28
CB GLN K . 15.31 1.43 7.27
CG GLN K . 15.11 2.64 8.21
CD GLN K . 14.09 3.69 7.70
OE1 GLN K . 14.41 4.58 6.91
NE2 GLN K . 12.86 3.57 8.15
OXT GLN K . 17.37 -0.96 5.98
C1 EDO L . 14.29 0.99 -10.73
O1 EDO L . 15.46 1.82 -10.71
C2 EDO L . 13.52 1.21 -9.44
O2 EDO L . 12.20 0.67 -9.55
C1 EDO M . -1.65 6.36 -7.36
O1 EDO M . -2.43 7.10 -8.32
C2 EDO M . -0.89 7.35 -6.48
O2 EDO M . -0.14 6.66 -5.47
C1 EDO N . -29.04 22.43 -0.78
O1 EDO N . -28.43 21.85 0.38
C2 EDO N . -30.13 23.39 -0.36
O2 EDO N . -29.54 24.51 0.33
CL CL O . -30.86 12.62 -0.52
C1 EDO P . -29.93 16.06 12.32
O1 EDO P . -30.25 17.42 11.96
C2 EDO P . -29.60 16.02 13.81
O2 EDO P . -29.54 14.66 14.28
C1 EDO Q . -31.43 5.43 -21.75
O1 EDO Q . -30.81 6.71 -21.73
C2 EDO Q . -30.79 4.53 -22.79
O2 EDO Q . -31.71 3.52 -23.21
N GLN R . -22.34 -1.45 -6.87
CA GLN R . -20.91 -1.49 -7.18
C GLN R . -20.29 -0.17 -6.79
O GLN R . -20.97 0.86 -6.74
CB GLN R . -20.69 -1.76 -8.66
CG GLN R . -21.83 -1.26 -9.50
CD GLN R . -21.39 -0.37 -10.63
OE1 GLN R . -21.93 -0.47 -11.73
NE2 GLN R . -20.43 0.51 -10.36
N GLN S . -18.99 -0.21 -6.53
CA GLN S . -18.23 0.99 -6.19
C GLN S . -17.61 1.65 -7.44
O GLN S . -17.56 1.01 -8.49
CB GLN S . -17.14 0.64 -5.17
CG GLN S . -17.66 0.62 -3.73
CD GLN S . -17.01 -0.47 -2.88
OE1 GLN S . -16.79 -1.58 -3.34
NE2 GLN S . -16.66 -0.12 -1.65
OXT GLN S . -17.17 2.80 -7.44
C1 EDO T . -5.70 3.87 -13.62
O1 EDO T . -5.35 3.28 -14.88
C2 EDO T . -6.95 3.19 -13.06
O2 EDO T . -6.70 1.81 -12.74
C1 EDO U . -40.04 7.06 -5.41
O1 EDO U . -39.18 6.93 -6.55
C2 EDO U . -39.32 7.51 -4.14
O2 EDO U . -39.71 8.85 -3.77
C1 EDO V . -34.39 4.94 -15.14
O1 EDO V . -34.38 5.87 -16.26
C2 EDO V . -33.55 5.50 -14.00
O2 EDO V . -34.20 5.31 -12.73
C1 EDO W . -32.18 12.85 -16.71
O1 EDO W . -32.05 14.23 -16.35
C2 EDO W . -33.16 12.71 -17.88
O2 EDO W . -34.47 12.32 -17.41
#